data_3ANT
#
_entry.id   3ANT
#
_cell.length_a   129.384
_cell.length_b   80.296
_cell.length_c   88.867
_cell.angle_alpha   90.000
_cell.angle_beta   125.880
_cell.angle_gamma   90.000
#
_symmetry.space_group_name_H-M   'C 1 2 1'
#
loop_
_entity.id
_entity.type
_entity.pdbx_description
1 polymer 'Epoxide hydrolase 2'
2 non-polymer 4-[3-(1-methylethyl)-1,2,4-oxadiazol-5-yl]-N-[(1S,2R)-2-phenylcyclopropyl]piperidine-1-carboxamide
3 water water
#
_entity_poly.entity_id   1
_entity_poly.type   'polypeptide(L)'
_entity_poly.pdbx_seq_one_letter_code
;MKKGHHHHHHTSCNPSDMSHGYVTVKPRVRLHFVELGSGPAVCLCHGFPESWYSWRYQIPALAQAGYRVLAMDMKGYGES
SAPPEIEEYCMEVLCKEMVTFLDKLGLSQAVFIGHDWGGMLVWYMALFYPERVRAVASLNTPFIPANPNMSPLESIKANP
VFDYQLYFQEPGVAEAELEQNLSRTFKSLFRASDESVLSMHKVCEAGGLFVNSPEEPSLSRMVTEEEIQFYVQQFKKSGF
RGPLNWYRNMERNWKWACKSLGRKILIPALMVTAEKDFVLVPQMSQHMEDWIPHLKRGHIEDCGHWTQMDKPTEVNQILI
KWLDSDARNPPVVSKM
;
_entity_poly.pdbx_strand_id   A,B
#
loop_
_chem_comp.id
_chem_comp.type
_chem_comp.name
_chem_comp.formula
S82 non-polymer 4-[3-(1-methylethyl)-1,2,4-oxadiazol-5-yl]-N-[(1S,2R)-2-phenylcyclopropyl]piperidine-1-carboxamide 'C20 H26 N4 O2'
#
# COMPACT_ATOMS: atom_id res chain seq x y z
N CYS A 13 -18.62 0.68 -5.65
CA CYS A 13 -17.16 0.66 -5.34
C CYS A 13 -16.33 0.27 -6.56
N ASN A 14 -15.45 1.18 -6.96
CA ASN A 14 -14.58 1.01 -8.12
C ASN A 14 -13.17 0.64 -7.68
N PRO A 15 -12.74 -0.61 -7.98
CA PRO A 15 -11.39 -1.12 -7.70
C PRO A 15 -10.26 -0.21 -8.17
N SER A 16 -10.43 0.43 -9.33
CA SER A 16 -9.38 1.29 -9.88
C SER A 16 -9.25 2.60 -9.10
N ASP A 17 -10.19 2.87 -8.22
CA ASP A 17 -10.19 4.05 -7.35
C ASP A 17 -9.59 3.73 -5.97
N MET A 18 -9.03 2.54 -5.83
CA MET A 18 -8.42 2.09 -4.58
C MET A 18 -6.90 2.02 -4.71
N SER A 19 -6.20 2.10 -3.59
CA SER A 19 -4.78 1.82 -3.53
C SER A 19 -4.58 0.32 -3.32
N HIS A 20 -3.77 -0.29 -4.18
CA HIS A 20 -3.51 -1.73 -4.09
C HIS A 20 -2.10 -1.99 -3.58
N GLY A 21 -2.01 -2.79 -2.53
CA GLY A 21 -0.70 -3.13 -1.91
C GLY A 21 -0.35 -4.60 -2.11
N TYR A 22 0.94 -4.90 -2.15
CA TYR A 22 1.44 -6.26 -2.30
C TYR A 22 2.61 -6.49 -1.35
N VAL A 23 2.56 -7.58 -0.60
CA VAL A 23 3.61 -7.94 0.33
C VAL A 23 4.01 -9.39 0.11
N THR A 24 5.30 -9.61 -0.13
CA THR A 24 5.83 -10.96 -0.28
C THR A 24 6.16 -11.49 1.09
N VAL A 25 5.33 -12.39 1.60
CA VAL A 25 5.58 -12.98 2.94
C VAL A 25 6.53 -14.18 2.87
N LYS A 26 6.74 -14.70 1.66
CA LYS A 26 7.71 -15.77 1.40
C LYS A 26 7.85 -15.99 -0.11
N PRO A 27 8.99 -16.56 -0.57
CA PRO A 27 9.32 -16.73 -1.99
C PRO A 27 8.11 -16.97 -2.92
N ARG A 28 7.32 -18.01 -2.64
CA ARG A 28 6.19 -18.35 -3.50
C ARG A 28 4.89 -17.60 -3.15
N VAL A 29 4.89 -16.81 -2.07
CA VAL A 29 3.64 -16.26 -1.54
C VAL A 29 3.62 -14.74 -1.34
N ARG A 30 2.84 -14.06 -2.17
CA ARG A 30 2.55 -12.64 -1.96
C ARG A 30 1.09 -12.42 -1.58
N LEU A 31 0.86 -11.50 -0.64
CA LEU A 31 -0.50 -11.13 -0.28
C LEU A 31 -0.86 -9.76 -0.80
N HIS A 32 -2.03 -9.68 -1.41
CA HIS A 32 -2.60 -8.42 -1.89
C HIS A 32 -3.63 -7.86 -0.90
N PHE A 33 -3.67 -6.54 -0.78
CA PHE A 33 -4.65 -5.85 0.05
C PHE A 33 -4.97 -4.50 -0.54
N VAL A 34 -6.10 -3.95 -0.14
CA VAL A 34 -6.48 -2.60 -0.51
C VAL A 34 -6.43 -1.74 0.73
N GLU A 35 -6.06 -0.48 0.57
CA GLU A 35 -5.77 0.40 1.69
C GLU A 35 -6.47 1.75 1.55
N LEU A 36 -7.16 2.17 2.62
CA LEU A 36 -7.86 3.46 2.66
C LEU A 36 -7.83 4.07 4.06
N GLY A 37 -7.51 5.35 4.14
CA GLY A 37 -7.55 6.07 5.41
C GLY A 37 -6.24 6.24 6.15
N SER A 38 -6.32 7.01 7.24
CA SER A 38 -5.21 7.17 8.16
C SER A 38 -5.71 6.95 9.59
N GLY A 39 -4.78 6.76 10.51
CA GLY A 39 -5.11 6.41 11.89
C GLY A 39 -4.66 4.99 12.21
N PRO A 40 -5.14 4.43 13.35
CA PRO A 40 -4.76 3.06 13.78
C PRO A 40 -5.14 2.04 12.70
N ALA A 41 -4.31 1.01 12.52
CA ALA A 41 -4.50 0.09 11.42
C ALA A 41 -5.54 -0.99 11.75
N VAL A 42 -6.50 -1.12 10.85
CA VAL A 42 -7.54 -2.12 11.00
C VAL A 42 -7.44 -3.05 9.81
N CYS A 43 -7.20 -4.31 10.10
CA CYS A 43 -7.05 -5.33 9.11
C CYS A 43 -8.35 -6.12 8.99
N LEU A 44 -8.88 -6.24 7.78
CA LEU A 44 -10.16 -6.91 7.55
C LEU A 44 -9.93 -8.24 6.85
N CYS A 45 -10.51 -9.32 7.38
CA CYS A 45 -10.25 -10.67 6.84
C CYS A 45 -11.53 -11.41 6.45
N HIS A 46 -11.76 -11.54 5.15
CA HIS A 46 -12.98 -12.14 4.60
C HIS A 46 -13.03 -13.65 4.74
N GLY A 47 -14.18 -14.24 4.43
CA GLY A 47 -14.36 -15.69 4.50
C GLY A 47 -14.44 -16.39 3.16
N PHE A 48 -15.11 -17.54 3.14
CA PHE A 48 -15.24 -18.38 1.95
C PHE A 48 -16.63 -18.21 1.33
N PRO A 49 -16.72 -18.05 -0.01
CA PRO A 49 -15.65 -17.81 -0.97
C PRO A 49 -15.72 -16.34 -1.40
N GLU A 50 -15.07 -15.48 -0.63
CA GLU A 50 -15.24 -14.06 -0.84
C GLU A 50 -13.98 -13.40 -1.37
N SER A 51 -13.66 -12.20 -0.86
CA SER A 51 -12.74 -11.28 -1.51
C SER A 51 -12.60 -10.06 -0.60
N TRP A 52 -11.55 -9.25 -0.79
CA TRP A 52 -11.49 -7.96 -0.09
C TRP A 52 -12.75 -7.17 -0.37
N TYR A 53 -13.31 -7.37 -1.55
CA TYR A 53 -14.48 -6.66 -2.05
C TYR A 53 -15.72 -6.89 -1.20
N SER A 54 -15.77 -8.02 -0.50
CA SER A 54 -16.84 -8.27 0.48
C SER A 54 -16.90 -7.23 1.59
N TRP A 55 -15.83 -6.47 1.76
CA TRP A 55 -15.80 -5.39 2.73
C TRP A 55 -16.14 -4.02 2.14
N ARG A 56 -16.66 -3.99 0.91
CA ARG A 56 -16.89 -2.73 0.17
C ARG A 56 -17.67 -1.64 0.93
N TYR A 57 -18.58 -2.02 1.81
CA TYR A 57 -19.35 -1.04 2.58
C TYR A 57 -18.64 -0.57 3.85
N GLN A 58 -17.75 -1.39 4.39
CA GLN A 58 -17.02 -1.05 5.60
C GLN A 58 -15.79 -0.21 5.32
N ILE A 59 -15.13 -0.45 4.18
CA ILE A 59 -13.90 0.26 3.86
C ILE A 59 -14.06 1.80 3.90
N PRO A 60 -15.01 2.38 3.13
CA PRO A 60 -15.11 3.85 3.20
C PRO A 60 -15.61 4.35 4.55
N ALA A 61 -16.49 3.59 5.20
CA ALA A 61 -17.06 4.00 6.48
C ALA A 61 -16.05 3.99 7.64
N LEU A 62 -15.20 2.96 7.71
CA LEU A 62 -14.18 2.93 8.75
C LEU A 62 -13.08 3.98 8.53
N ALA A 63 -12.68 4.18 7.27
CA ALA A 63 -11.69 5.21 6.92
C ALA A 63 -12.19 6.59 7.36
N GLN A 64 -13.45 6.89 7.05
CA GLN A 64 -14.07 8.16 7.45
C GLN A 64 -14.16 8.31 8.97
N ALA A 65 -14.32 7.20 9.69
CA ALA A 65 -14.33 7.21 11.15
C ALA A 65 -12.93 7.40 11.73
N GLY A 66 -11.94 7.60 10.86
CA GLY A 66 -10.58 7.89 11.30
C GLY A 66 -9.72 6.67 11.54
N TYR A 67 -9.87 5.65 10.68
CA TYR A 67 -9.02 4.44 10.76
C TYR A 67 -8.30 4.18 9.44
N ARG A 68 -7.20 3.43 9.54
CA ARG A 68 -6.43 3.02 8.36
C ARG A 68 -6.78 1.58 8.04
N VAL A 69 -7.56 1.40 6.99
CA VAL A 69 -8.17 0.13 6.70
C VAL A 69 -7.32 -0.63 5.68
N LEU A 70 -6.94 -1.86 6.04
CA LEU A 70 -6.25 -2.82 5.18
C LEU A 70 -7.22 -3.96 4.93
N ALA A 71 -7.72 -4.07 3.69
CA ALA A 71 -8.63 -5.16 3.39
C ALA A 71 -7.94 -6.21 2.54
N MET A 72 -7.78 -7.40 3.11
CA MET A 72 -6.96 -8.46 2.53
C MET A 72 -7.70 -9.22 1.45
N ASP A 73 -6.95 -9.69 0.45
CA ASP A 73 -7.30 -10.93 -0.22
C ASP A 73 -6.57 -12.01 0.58
N MET A 74 -7.33 -12.92 1.16
CA MET A 74 -6.71 -14.00 1.92
C MET A 74 -5.96 -14.92 0.97
N LYS A 75 -5.08 -15.74 1.52
CA LYS A 75 -4.30 -16.69 0.74
C LYS A 75 -5.24 -17.58 -0.07
N GLY A 76 -5.00 -17.66 -1.38
CA GLY A 76 -5.80 -18.50 -2.28
C GLY A 76 -6.85 -17.73 -3.05
N TYR A 77 -6.96 -16.42 -2.78
CA TYR A 77 -8.02 -15.58 -3.31
C TYR A 77 -7.52 -14.39 -4.13
N GLY A 78 -8.22 -14.08 -5.22
CA GLY A 78 -7.98 -12.89 -6.04
C GLY A 78 -6.54 -12.75 -6.45
N GLU A 79 -5.96 -11.59 -6.15
CA GLU A 79 -4.59 -11.29 -6.56
C GLU A 79 -3.50 -11.82 -5.61
N SER A 80 -3.91 -12.44 -4.50
CA SER A 80 -2.96 -13.08 -3.61
C SER A 80 -2.49 -14.40 -4.24
N SER A 81 -1.34 -14.90 -3.81
CA SER A 81 -0.89 -16.22 -4.27
C SER A 81 -1.90 -17.29 -3.88
N ALA A 82 -2.00 -18.32 -4.72
CA ALA A 82 -2.87 -19.44 -4.43
C ALA A 82 -2.14 -20.75 -4.73
N PRO A 83 -1.12 -21.11 -3.93
CA PRO A 83 -0.42 -22.39 -4.13
C PRO A 83 -1.38 -23.60 -4.08
N PRO A 84 -1.10 -24.67 -4.85
CA PRO A 84 -2.03 -25.80 -4.85
C PRO A 84 -1.94 -26.72 -3.61
N GLU A 85 -0.84 -26.67 -2.87
CA GLU A 85 -0.64 -27.58 -1.74
C GLU A 85 -1.61 -27.33 -0.60
N ILE A 86 -2.24 -28.40 -0.11
CA ILE A 86 -3.25 -28.33 0.94
C ILE A 86 -2.69 -27.79 2.27
N GLU A 87 -1.47 -28.22 2.59
CA GLU A 87 -0.77 -27.81 3.82
C GLU A 87 -0.44 -26.31 3.89
N GLU A 88 -0.57 -25.59 2.78
CA GLU A 88 -0.30 -24.15 2.76
C GLU A 88 -1.45 -23.34 3.37
N TYR A 89 -2.54 -24.03 3.73
CA TYR A 89 -3.75 -23.37 4.20
C TYR A 89 -4.19 -23.83 5.59
N CYS A 90 -3.26 -24.34 6.39
CA CYS A 90 -3.58 -24.66 7.77
C CYS A 90 -3.44 -23.38 8.59
N MET A 91 -4.22 -23.27 9.66
CA MET A 91 -4.27 -22.06 10.47
C MET A 91 -2.91 -21.59 10.99
N GLU A 92 -2.08 -22.54 11.40
CA GLU A 92 -0.73 -22.21 11.85
C GLU A 92 0.04 -21.42 10.76
N VAL A 93 0.05 -21.92 9.52
CA VAL A 93 0.80 -21.30 8.44
C VAL A 93 0.15 -19.98 7.98
N LEU A 94 -1.18 -19.90 8.11
CA LEU A 94 -1.87 -18.70 7.69
C LEU A 94 -1.61 -17.57 8.66
N CYS A 95 -1.61 -17.88 9.96
CA CYS A 95 -1.34 -16.90 11.02
C CYS A 95 0.06 -16.32 10.99
N LYS A 96 1.06 -17.19 10.77
CA LYS A 96 2.47 -16.78 10.67
C LYS A 96 2.66 -15.83 9.49
N GLU A 97 1.90 -16.05 8.44
CA GLU A 97 1.96 -15.19 7.28
C GLU A 97 1.37 -13.83 7.59
N MET A 98 0.27 -13.80 8.33
CA MET A 98 -0.32 -12.54 8.78
C MET A 98 0.67 -11.73 9.63
N VAL A 99 1.40 -12.42 10.50
CA VAL A 99 2.45 -11.78 11.31
C VAL A 99 3.59 -11.21 10.43
N THR A 100 4.07 -12.00 9.48
CA THR A 100 5.09 -11.53 8.54
C THR A 100 4.58 -10.31 7.75
N PHE A 101 3.32 -10.35 7.35
CA PHE A 101 2.63 -9.23 6.71
C PHE A 101 2.74 -7.95 7.55
N LEU A 102 2.40 -8.03 8.83
CA LEU A 102 2.55 -6.89 9.73
C LEU A 102 4.01 -6.42 9.86
N ASP A 103 4.94 -7.38 9.91
CA ASP A 103 6.37 -7.06 10.03
C ASP A 103 6.87 -6.23 8.86
N LYS A 104 6.56 -6.67 7.65
CA LYS A 104 7.04 -6.02 6.42
C LYS A 104 6.40 -4.65 6.13
N LEU A 105 5.22 -4.41 6.66
CA LEU A 105 4.60 -3.07 6.66
C LEU A 105 5.09 -2.21 7.82
N GLY A 106 5.84 -2.82 8.73
CA GLY A 106 6.39 -2.11 9.85
C GLY A 106 5.32 -1.74 10.86
N LEU A 107 4.34 -2.63 11.04
CA LEU A 107 3.27 -2.39 12.01
C LEU A 107 3.46 -3.32 13.20
N SER A 108 3.70 -2.76 14.37
CA SER A 108 3.81 -3.61 15.56
C SER A 108 2.47 -4.25 15.92
N GLN A 109 1.36 -3.58 15.63
CA GLN A 109 0.02 -4.07 15.97
C GLN A 109 -1.03 -3.64 14.97
N ALA A 110 -2.15 -4.33 14.98
CA ALA A 110 -3.31 -3.99 14.18
C ALA A 110 -4.56 -4.46 14.91
N VAL A 111 -5.69 -3.79 14.70
CA VAL A 111 -6.96 -4.38 15.05
C VAL A 111 -7.28 -5.37 13.92
N PHE A 112 -7.76 -6.55 14.30
CA PHE A 112 -8.14 -7.58 13.34
C PHE A 112 -9.63 -7.83 13.42
N ILE A 113 -10.28 -7.72 12.26
CA ILE A 113 -11.70 -7.98 12.12
C ILE A 113 -11.88 -9.03 11.01
N GLY A 114 -12.53 -10.14 11.35
CA GLY A 114 -12.72 -11.23 10.41
C GLY A 114 -14.17 -11.70 10.34
N HIS A 115 -14.52 -12.33 9.23
CA HIS A 115 -15.82 -12.93 9.02
C HIS A 115 -15.60 -14.34 8.51
N ASP A 116 -16.41 -15.29 9.00
CA ASP A 116 -16.37 -16.69 8.51
C ASP A 116 -15.01 -17.34 8.79
N TRP A 117 -14.39 -17.97 7.78
CA TRP A 117 -12.99 -18.45 7.91
C TRP A 117 -12.02 -17.36 8.41
N GLY A 118 -12.26 -16.11 7.98
CA GLY A 118 -11.50 -14.98 8.46
C GLY A 118 -11.76 -14.72 9.93
N GLY A 119 -12.98 -15.00 10.37
CA GLY A 119 -13.32 -14.90 11.79
C GLY A 119 -12.44 -15.82 12.62
N MET A 120 -12.32 -17.07 12.18
CA MET A 120 -11.60 -18.07 12.93
C MET A 120 -10.09 -17.79 12.93
N LEU A 121 -9.60 -17.22 11.84
CA LEU A 121 -8.20 -16.80 11.76
C LEU A 121 -7.85 -15.71 12.78
N VAL A 122 -8.69 -14.67 12.89
CA VAL A 122 -8.42 -13.60 13.84
C VAL A 122 -8.47 -14.05 15.32
N TRP A 123 -9.33 -15.02 15.65
CA TRP A 123 -9.36 -15.57 17.02
C TRP A 123 -8.02 -16.22 17.34
N TYR A 124 -7.52 -17.02 16.40
CA TYR A 124 -6.23 -17.68 16.55
C TYR A 124 -5.06 -16.70 16.59
N MET A 125 -5.16 -15.59 15.85
CA MET A 125 -4.19 -14.49 15.96
C MET A 125 -4.17 -13.97 17.38
N ALA A 126 -5.37 -13.76 17.94
CA ALA A 126 -5.50 -13.28 19.31
C ALA A 126 -4.88 -14.25 20.34
N LEU A 127 -5.04 -15.55 20.10
CA LEU A 127 -4.49 -16.59 20.99
C LEU A 127 -2.97 -16.76 20.88
N PHE A 128 -2.44 -16.85 19.67
CA PHE A 128 -1.02 -17.19 19.48
C PHE A 128 -0.13 -15.98 19.27
N TYR A 129 -0.73 -14.84 18.92
CA TYR A 129 0.05 -13.61 18.72
C TYR A 129 -0.60 -12.37 19.36
N PRO A 130 -0.99 -12.48 20.65
CA PRO A 130 -1.63 -11.36 21.34
C PRO A 130 -0.85 -10.06 21.25
N GLU A 131 0.47 -10.16 21.21
CA GLU A 131 1.32 -8.97 21.15
C GLU A 131 1.14 -8.19 19.83
N ARG A 132 0.80 -8.90 18.74
CA ARG A 132 0.61 -8.27 17.42
C ARG A 132 -0.83 -7.83 17.17
N VAL A 133 -1.73 -8.11 18.11
CA VAL A 133 -3.15 -7.85 17.93
C VAL A 133 -3.63 -6.87 18.98
N ARG A 134 -4.00 -5.67 18.53
CA ARG A 134 -4.48 -4.59 19.39
C ARG A 134 -5.86 -4.88 19.96
N ALA A 135 -6.72 -5.46 19.13
CA ALA A 135 -8.12 -5.73 19.44
C ALA A 135 -8.62 -6.72 18.41
N VAL A 136 -9.66 -7.48 18.75
CA VAL A 136 -10.14 -8.53 17.88
C VAL A 136 -11.67 -8.54 17.80
N ALA A 137 -12.18 -8.61 16.57
CA ALA A 137 -13.61 -8.64 16.31
C ALA A 137 -13.93 -9.73 15.29
N SER A 138 -14.98 -10.49 15.57
CA SER A 138 -15.46 -11.50 14.65
C SER A 138 -16.92 -11.30 14.33
N LEU A 139 -17.25 -11.39 13.03
CA LEU A 139 -18.63 -11.43 12.58
C LEU A 139 -19.02 -12.88 12.27
N ASN A 140 -20.03 -13.37 12.98
CA ASN A 140 -20.60 -14.70 12.76
C ASN A 140 -19.81 -15.84 13.42
N THR A 141 -18.48 -15.82 13.30
CA THR A 141 -17.63 -16.90 13.81
C THR A 141 -17.37 -16.81 15.30
N PRO A 142 -17.82 -17.82 16.07
CA PRO A 142 -17.59 -17.82 17.50
C PRO A 142 -16.18 -18.32 17.84
N PHE A 143 -15.72 -18.05 19.05
CA PHE A 143 -14.50 -18.68 19.55
C PHE A 143 -14.87 -19.89 20.41
N ILE A 144 -14.61 -21.08 19.88
CA ILE A 144 -14.85 -22.34 20.60
C ILE A 144 -13.52 -23.04 20.85
N PRO A 145 -13.07 -23.10 22.13
CA PRO A 145 -11.85 -23.80 22.50
C PRO A 145 -11.81 -25.24 22.00
N ALA A 146 -10.61 -25.72 21.65
CA ALA A 146 -10.45 -27.07 21.13
C ALA A 146 -10.88 -28.15 22.13
N ASN A 147 -11.70 -29.08 21.65
CA ASN A 147 -12.14 -30.23 22.41
C ASN A 147 -11.12 -31.37 22.25
N PRO A 148 -10.34 -31.66 23.32
CA PRO A 148 -9.21 -32.61 23.24
C PRO A 148 -9.62 -34.06 23.06
N ASN A 149 -10.90 -34.37 23.23
CA ASN A 149 -11.39 -35.75 23.14
C ASN A 149 -11.90 -36.16 21.76
N MET A 150 -12.84 -35.39 21.22
CA MET A 150 -13.40 -35.65 19.88
C MET A 150 -12.69 -34.85 18.78
N SER A 151 -12.48 -35.50 17.64
CA SER A 151 -11.87 -34.87 16.46
C SER A 151 -12.86 -33.94 15.76
N PRO A 152 -12.37 -33.06 14.86
CA PRO A 152 -13.30 -32.24 14.08
C PRO A 152 -14.18 -33.10 13.16
N LEU A 153 -13.63 -34.24 12.72
CA LEU A 153 -14.34 -35.23 11.95
C LEU A 153 -15.50 -35.84 12.74
N GLU A 154 -15.33 -35.96 14.05
CA GLU A 154 -16.36 -36.50 14.94
C GLU A 154 -17.52 -35.53 15.14
N SER A 155 -17.23 -34.23 15.20
CA SER A 155 -18.23 -33.16 15.31
C SER A 155 -19.15 -33.07 14.08
N ILE A 156 -18.58 -33.31 12.89
CA ILE A 156 -19.34 -33.23 11.64
C ILE A 156 -20.37 -34.35 11.55
N LYS A 157 -19.96 -35.58 11.86
CA LYS A 157 -20.86 -36.74 11.87
C LYS A 157 -21.80 -36.76 13.08
N ALA A 158 -21.81 -35.64 13.82
CA ALA A 158 -22.70 -35.43 14.96
C ALA A 158 -23.64 -34.26 14.68
N ASN A 159 -23.36 -33.53 13.60
CA ASN A 159 -24.15 -32.37 13.21
C ASN A 159 -24.51 -32.38 11.72
N PRO A 160 -25.81 -32.54 11.40
CA PRO A 160 -26.30 -32.77 10.04
C PRO A 160 -26.05 -31.62 9.03
N VAL A 161 -26.08 -30.37 9.49
CA VAL A 161 -25.93 -29.21 8.59
C VAL A 161 -24.47 -28.98 8.16
N PHE A 162 -23.55 -29.77 8.73
CA PHE A 162 -22.13 -29.70 8.37
C PHE A 162 -21.71 -30.73 7.31
N ASP A 163 -22.68 -31.31 6.60
CA ASP A 163 -22.41 -32.36 5.62
C ASP A 163 -21.55 -31.91 4.44
N TYR A 164 -21.84 -30.71 3.91
CA TYR A 164 -21.07 -30.11 2.82
C TYR A 164 -19.56 -30.06 3.08
N GLN A 165 -19.16 -29.99 4.36
CA GLN A 165 -17.74 -29.97 4.73
C GLN A 165 -17.01 -31.26 4.34
N LEU A 166 -17.71 -32.40 4.35
CA LEU A 166 -17.11 -33.66 3.91
C LEU A 166 -17.03 -33.71 2.39
N TYR A 167 -18.01 -33.06 1.75
CA TYR A 167 -18.04 -32.93 0.30
C TYR A 167 -16.89 -32.06 -0.18
N PHE A 168 -16.46 -31.14 0.66
CA PHE A 168 -15.35 -30.25 0.33
C PHE A 168 -13.97 -30.91 0.48
N GLN A 169 -13.93 -32.12 1.04
CA GLN A 169 -12.64 -32.75 1.41
C GLN A 169 -11.83 -33.31 0.24
N GLU A 170 -12.52 -33.96 -0.70
CA GLU A 170 -11.85 -34.63 -1.82
C GLU A 170 -11.41 -33.59 -2.84
N PRO A 171 -10.08 -33.40 -3.00
CA PRO A 171 -9.54 -32.41 -3.93
C PRO A 171 -10.01 -32.64 -5.36
N GLY A 172 -10.62 -31.62 -5.96
CA GLY A 172 -11.10 -31.69 -7.35
C GLY A 172 -12.60 -31.76 -7.50
N VAL A 173 -13.28 -32.32 -6.49
CA VAL A 173 -14.72 -32.57 -6.59
C VAL A 173 -15.56 -31.30 -6.47
N ALA A 174 -15.44 -30.57 -5.37
CA ALA A 174 -16.17 -29.32 -5.19
C ALA A 174 -15.68 -28.25 -6.16
N GLU A 175 -14.37 -28.23 -6.43
CA GLU A 175 -13.76 -27.36 -7.44
C GLU A 175 -14.49 -27.40 -8.77
N ALA A 176 -14.67 -28.61 -9.32
CA ALA A 176 -15.23 -28.77 -10.65
C ALA A 176 -16.68 -28.32 -10.73
N GLU A 177 -17.43 -28.54 -9.65
CA GLU A 177 -18.82 -28.10 -9.57
C GLU A 177 -18.92 -26.58 -9.40
N LEU A 178 -18.07 -26.02 -8.55
CA LEU A 178 -18.11 -24.59 -8.27
C LEU A 178 -17.60 -23.72 -9.44
N GLU A 179 -16.60 -24.23 -10.16
CA GLU A 179 -16.00 -23.52 -11.31
C GLU A 179 -16.72 -23.72 -12.64
N GLN A 180 -17.71 -24.60 -12.68
CA GLN A 180 -18.45 -24.92 -13.92
C GLN A 180 -19.13 -23.69 -14.52
N ASN A 181 -20.02 -23.05 -13.76
CA ASN A 181 -20.59 -21.76 -14.13
C ASN A 181 -20.42 -20.80 -12.94
N LEU A 182 -19.45 -19.90 -13.05
CA LEU A 182 -19.07 -19.03 -11.93
C LEU A 182 -20.17 -18.05 -11.58
N SER A 183 -20.84 -17.56 -12.61
CA SER A 183 -21.98 -16.65 -12.46
C SER A 183 -23.11 -17.30 -11.65
N ARG A 184 -23.41 -18.55 -11.97
CA ARG A 184 -24.42 -19.32 -11.25
C ARG A 184 -24.01 -19.57 -9.80
N THR A 185 -22.74 -19.88 -9.58
CA THR A 185 -22.21 -20.16 -8.24
C THR A 185 -22.48 -19.00 -7.27
N PHE A 186 -22.07 -17.80 -7.65
CA PHE A 186 -22.17 -16.64 -6.79
C PHE A 186 -23.62 -16.16 -6.59
N LYS A 187 -24.43 -16.22 -7.65
CA LYS A 187 -25.85 -15.88 -7.55
C LYS A 187 -26.61 -16.87 -6.67
N SER A 188 -26.16 -18.10 -6.62
CA SER A 188 -26.75 -19.13 -5.76
C SER A 188 -26.33 -18.97 -4.31
N LEU A 189 -25.07 -18.60 -4.08
CA LEU A 189 -24.54 -18.45 -2.72
C LEU A 189 -24.95 -17.13 -2.09
N PHE A 190 -24.67 -16.03 -2.78
CA PHE A 190 -24.88 -14.69 -2.23
C PHE A 190 -26.36 -14.32 -2.23
N ARG A 191 -27.10 -14.88 -1.28
CA ARG A 191 -28.53 -14.61 -1.15
C ARG A 191 -28.90 -14.33 0.30
N ALA A 192 -29.98 -13.58 0.50
CA ALA A 192 -30.59 -13.45 1.83
C ALA A 192 -31.09 -14.82 2.29
N SER A 193 -31.27 -14.98 3.60
CA SER A 193 -31.70 -16.26 4.18
C SER A 193 -33.08 -16.71 3.70
N ASP A 194 -33.96 -15.74 3.44
CA ASP A 194 -35.30 -16.02 2.89
C ASP A 194 -35.33 -16.27 1.37
N GLU A 195 -34.25 -15.96 0.68
CA GLU A 195 -34.13 -16.21 -0.77
C GLU A 195 -33.33 -17.48 -1.05
N SER A 196 -32.84 -18.13 0.01
CA SER A 196 -31.95 -19.28 -0.08
C SER A 196 -32.49 -20.40 -0.96
N VAL A 197 -31.64 -20.90 -1.86
CA VAL A 197 -32.02 -21.99 -2.76
C VAL A 197 -31.15 -23.25 -2.60
N LEU A 198 -30.48 -23.38 -1.45
CA LEU A 198 -29.60 -24.53 -1.20
C LEU A 198 -29.94 -25.28 0.09
N SER A 199 -29.82 -26.61 0.04
CA SER A 199 -29.97 -27.46 1.22
C SER A 199 -28.60 -27.98 1.63
N MET A 200 -28.19 -27.68 2.88
CA MET A 200 -26.89 -28.12 3.39
C MET A 200 -26.99 -29.50 4.05
N HIS A 201 -28.20 -30.07 4.01
CA HIS A 201 -28.48 -31.35 4.67
C HIS A 201 -27.85 -32.55 3.96
N LYS A 202 -28.22 -32.78 2.70
CA LYS A 202 -27.79 -33.99 2.00
C LYS A 202 -27.05 -33.67 0.71
N VAL A 203 -25.76 -33.34 0.84
CA VAL A 203 -24.93 -32.91 -0.29
C VAL A 203 -24.10 -34.08 -0.86
N CYS A 204 -23.54 -34.89 0.04
CA CYS A 204 -22.67 -36.02 -0.34
C CYS A 204 -23.38 -37.08 -1.19
N GLU A 205 -24.51 -37.58 -0.69
CA GLU A 205 -25.29 -38.63 -1.39
C GLU A 205 -25.99 -38.11 -2.63
N ALA A 206 -26.72 -37.01 -2.49
CA ALA A 206 -27.48 -36.43 -3.59
C ALA A 206 -26.60 -35.54 -4.49
N GLY A 207 -25.71 -36.17 -5.26
CA GLY A 207 -24.82 -35.49 -6.19
C GLY A 207 -23.89 -34.47 -5.55
N GLY A 208 -24.07 -33.19 -5.90
CA GLY A 208 -23.30 -32.09 -5.33
C GLY A 208 -24.14 -31.02 -4.67
N LEU A 209 -23.58 -29.81 -4.57
CA LEU A 209 -24.19 -28.70 -3.86
C LEU A 209 -25.32 -28.00 -4.62
N PHE A 210 -25.32 -28.13 -5.94
CA PHE A 210 -26.27 -27.41 -6.79
C PHE A 210 -27.30 -28.30 -7.51
N VAL A 211 -27.18 -29.61 -7.33
CA VAL A 211 -28.01 -30.62 -8.03
C VAL A 211 -29.51 -30.32 -7.98
N ASN A 212 -29.99 -29.82 -6.84
CA ASN A 212 -31.42 -29.52 -6.64
C ASN A 212 -31.81 -28.05 -6.84
N SER A 213 -30.85 -27.20 -7.22
CA SER A 213 -31.09 -25.75 -7.34
C SER A 213 -31.21 -25.26 -8.79
N PRO A 214 -31.82 -24.07 -9.01
CA PRO A 214 -32.06 -23.55 -10.37
C PRO A 214 -30.81 -23.42 -11.24
N GLU A 215 -31.01 -23.48 -12.55
CA GLU A 215 -29.93 -23.35 -13.52
C GLU A 215 -29.63 -21.89 -13.82
N GLU A 216 -30.69 -21.08 -13.90
CA GLU A 216 -30.56 -19.63 -14.07
C GLU A 216 -31.16 -18.90 -12.87
N PRO A 217 -30.43 -18.88 -11.73
CA PRO A 217 -30.98 -18.29 -10.52
C PRO A 217 -31.17 -16.79 -10.66
N SER A 218 -32.14 -16.24 -9.94
CA SER A 218 -32.37 -14.81 -9.98
C SER A 218 -31.32 -14.08 -9.16
N LEU A 219 -31.24 -12.78 -9.38
CA LEU A 219 -30.34 -11.92 -8.63
C LEU A 219 -30.97 -11.62 -7.28
N SER A 220 -30.19 -11.80 -6.22
CA SER A 220 -30.62 -11.49 -4.86
C SER A 220 -30.78 -9.98 -4.66
N ARG A 221 -31.60 -9.61 -3.68
CA ARG A 221 -31.80 -8.20 -3.33
C ARG A 221 -30.50 -7.52 -2.83
N MET A 222 -29.56 -8.34 -2.32
CA MET A 222 -28.31 -7.85 -1.74
C MET A 222 -27.30 -7.37 -2.78
N VAL A 223 -27.34 -7.96 -3.96
CA VAL A 223 -26.30 -7.74 -4.97
C VAL A 223 -26.83 -7.24 -6.30
N THR A 224 -26.00 -6.47 -7.00
CA THR A 224 -26.27 -6.08 -8.38
C THR A 224 -25.60 -7.12 -9.27
N GLU A 225 -25.87 -7.06 -10.57
CA GLU A 225 -25.23 -7.94 -11.54
C GLU A 225 -23.75 -7.57 -11.65
N GLU A 226 -23.45 -6.30 -11.43
CA GLU A 226 -22.08 -5.79 -11.53
C GLU A 226 -21.24 -6.29 -10.37
N GLU A 227 -21.87 -6.47 -9.21
CA GLU A 227 -21.17 -6.98 -8.04
C GLU A 227 -20.85 -8.45 -8.20
N ILE A 228 -21.80 -9.22 -8.72
CA ILE A 228 -21.56 -10.63 -9.06
C ILE A 228 -20.40 -10.79 -10.04
N GLN A 229 -20.40 -9.98 -11.11
CA GLN A 229 -19.35 -10.07 -12.13
C GLN A 229 -17.93 -9.77 -11.61
N PHE A 230 -17.82 -8.96 -10.55
CA PHE A 230 -16.51 -8.73 -9.94
C PHE A 230 -15.98 -10.03 -9.33
N TYR A 231 -16.82 -10.73 -8.57
CA TYR A 231 -16.45 -12.02 -8.00
C TYR A 231 -16.09 -13.06 -9.07
N VAL A 232 -16.87 -13.11 -10.15
CA VAL A 232 -16.59 -14.00 -11.28
C VAL A 232 -15.16 -13.79 -11.80
N GLN A 233 -14.85 -12.53 -12.15
CA GLN A 233 -13.54 -12.17 -12.68
C GLN A 233 -12.40 -12.49 -11.69
N GLN A 234 -12.65 -12.28 -10.40
CA GLN A 234 -11.64 -12.60 -9.38
C GLN A 234 -11.32 -14.08 -9.31
N PHE A 235 -12.36 -14.91 -9.36
CA PHE A 235 -12.20 -16.35 -9.21
C PHE A 235 -11.76 -17.06 -10.50
N LYS A 236 -11.73 -16.34 -11.61
CA LYS A 236 -11.22 -16.87 -12.87
C LYS A 236 -9.69 -17.05 -12.86
N LYS A 237 -9.04 -16.44 -11.88
CA LYS A 237 -7.59 -16.37 -11.89
C LYS A 237 -6.96 -17.56 -11.17
N SER A 238 -7.62 -18.05 -10.13
CA SER A 238 -7.12 -19.23 -9.42
C SER A 238 -8.19 -20.31 -9.19
N GLY A 239 -9.45 -19.93 -9.34
CA GLY A 239 -10.52 -20.88 -9.07
C GLY A 239 -10.69 -21.13 -7.59
N PHE A 240 -11.29 -22.27 -7.26
CA PHE A 240 -11.72 -22.59 -5.90
C PHE A 240 -10.79 -23.50 -5.08
N ARG A 241 -9.72 -24.00 -5.71
CA ARG A 241 -8.84 -24.96 -5.05
C ARG A 241 -8.19 -24.40 -3.77
N GLY A 242 -7.44 -23.31 -3.89
CA GLY A 242 -6.93 -22.56 -2.74
C GLY A 242 -7.96 -22.29 -1.65
N PRO A 243 -9.11 -21.69 -2.03
CA PRO A 243 -10.17 -21.40 -1.06
C PRO A 243 -10.69 -22.64 -0.34
N LEU A 244 -10.91 -23.73 -1.06
CA LEU A 244 -11.39 -24.97 -0.45
C LEU A 244 -10.33 -25.63 0.41
N ASN A 245 -9.05 -25.46 0.07
CA ASN A 245 -7.99 -26.01 0.91
C ASN A 245 -8.04 -25.52 2.37
N TRP A 246 -8.75 -24.41 2.60
CA TRP A 246 -9.02 -23.94 3.95
C TRP A 246 -9.77 -25.01 4.80
N TYR A 247 -10.65 -25.77 4.14
CA TYR A 247 -11.47 -26.79 4.78
C TYR A 247 -10.76 -28.16 4.92
N ARG A 248 -9.56 -28.28 4.39
CA ARG A 248 -8.90 -29.58 4.27
C ARG A 248 -7.72 -29.74 5.21
N ASN A 249 -7.74 -29.00 6.31
CA ASN A 249 -6.69 -29.07 7.32
C ASN A 249 -7.24 -29.29 8.75
N MET A 250 -8.41 -29.92 8.86
CA MET A 250 -9.09 -30.09 10.14
C MET A 250 -8.26 -30.73 11.26
N GLU A 251 -7.58 -31.83 10.95
CA GLU A 251 -6.75 -32.53 11.95
C GLU A 251 -5.57 -31.68 12.42
N ARG A 252 -4.88 -31.05 11.48
CA ARG A 252 -3.78 -30.13 11.83
C ARG A 252 -4.24 -28.91 12.66
N ASN A 253 -5.35 -28.29 12.26
CA ASN A 253 -5.91 -27.13 12.99
C ASN A 253 -6.35 -27.45 14.43
N TRP A 254 -6.91 -28.65 14.60
CA TRP A 254 -7.29 -29.15 15.91
C TRP A 254 -6.04 -29.46 16.74
N LYS A 255 -5.06 -30.13 16.13
CA LYS A 255 -3.75 -30.35 16.76
C LYS A 255 -3.08 -29.06 17.22
N TRP A 256 -3.13 -28.03 16.37
CA TRP A 256 -2.52 -26.74 16.68
C TRP A 256 -3.30 -26.00 17.76
N ALA A 257 -4.62 -26.02 17.64
CA ALA A 257 -5.48 -25.36 18.65
C ALA A 257 -5.30 -25.93 20.06
N CYS A 258 -5.11 -27.25 20.16
CA CYS A 258 -4.89 -27.90 21.45
C CYS A 258 -3.70 -27.34 22.23
N LYS A 259 -2.65 -26.92 21.51
CA LYS A 259 -1.48 -26.29 22.12
C LYS A 259 -1.79 -24.97 22.81
N SER A 260 -2.94 -24.38 22.51
CA SER A 260 -3.35 -23.13 23.14
C SER A 260 -4.37 -23.30 24.26
N LEU A 261 -4.79 -24.54 24.51
CA LEU A 261 -6.01 -24.81 25.30
C LEU A 261 -6.12 -24.04 26.64
N GLY A 262 -4.99 -23.81 27.30
CA GLY A 262 -4.98 -23.14 28.60
C GLY A 262 -5.03 -21.62 28.59
N ARG A 263 -4.45 -20.97 27.57
CA ARG A 263 -4.31 -19.51 27.55
C ARG A 263 -5.62 -18.76 27.25
N LYS A 264 -5.65 -17.47 27.56
CA LYS A 264 -6.88 -16.69 27.51
C LYS A 264 -6.72 -15.38 26.74
N ILE A 265 -7.71 -15.03 25.92
CA ILE A 265 -7.71 -13.75 25.21
C ILE A 265 -8.02 -12.62 26.18
N LEU A 266 -7.05 -11.75 26.43
CA LEU A 266 -7.20 -10.62 27.38
C LEU A 266 -7.37 -9.25 26.72
N ILE A 267 -7.12 -9.18 25.42
CA ILE A 267 -7.27 -7.95 24.62
C ILE A 267 -8.77 -7.64 24.38
N PRO A 268 -9.11 -6.37 24.07
CA PRO A 268 -10.52 -6.08 23.72
C PRO A 268 -11.04 -7.00 22.62
N ALA A 269 -12.29 -7.45 22.75
CA ALA A 269 -12.88 -8.43 21.88
C ALA A 269 -14.35 -8.14 21.65
N LEU A 270 -14.78 -8.33 20.40
CA LEU A 270 -16.17 -8.12 19.98
C LEU A 270 -16.65 -9.32 19.21
N MET A 271 -17.79 -9.87 19.63
CA MET A 271 -18.46 -10.92 18.89
C MET A 271 -19.79 -10.41 18.33
N VAL A 272 -19.94 -10.44 17.01
CA VAL A 272 -21.18 -10.02 16.38
C VAL A 272 -21.89 -11.23 15.79
N THR A 273 -23.16 -11.39 16.15
CA THR A 273 -23.95 -12.53 15.68
C THR A 273 -25.07 -12.12 14.73
N ALA A 274 -25.31 -12.97 13.73
CA ALA A 274 -26.36 -12.76 12.74
C ALA A 274 -27.51 -13.74 13.00
N GLU A 275 -28.70 -13.19 13.26
CA GLU A 275 -29.87 -13.98 13.65
C GLU A 275 -30.16 -15.13 12.67
N LYS A 276 -29.97 -14.88 11.38
CA LYS A 276 -30.37 -15.85 10.37
C LYS A 276 -29.24 -16.59 9.62
N ASP A 277 -28.05 -16.65 10.24
CA ASP A 277 -26.97 -17.51 9.75
C ASP A 277 -27.27 -18.93 10.20
N PHE A 278 -27.60 -19.81 9.25
CA PHE A 278 -28.02 -21.19 9.57
C PHE A 278 -26.87 -22.19 9.66
N VAL A 279 -25.65 -21.70 9.38
CA VAL A 279 -24.45 -22.49 9.62
C VAL A 279 -23.72 -21.95 10.87
N LEU A 280 -23.46 -20.66 10.92
CA LEU A 280 -22.86 -20.04 12.11
C LEU A 280 -23.96 -19.42 12.97
N VAL A 281 -24.73 -20.30 13.60
CA VAL A 281 -25.85 -19.96 14.46
C VAL A 281 -25.35 -19.16 15.67
N PRO A 282 -26.12 -18.13 16.10
CA PRO A 282 -25.77 -17.32 17.28
C PRO A 282 -25.51 -18.11 18.55
N GLN A 283 -26.34 -19.13 18.81
CA GLN A 283 -26.23 -19.89 20.06
C GLN A 283 -24.88 -20.61 20.19
N MET A 284 -24.17 -20.78 19.08
CA MET A 284 -22.84 -21.38 19.08
C MET A 284 -21.84 -20.55 19.88
N SER A 285 -22.16 -19.28 20.07
CA SER A 285 -21.29 -18.34 20.76
C SER A 285 -21.63 -18.13 22.24
N GLN A 286 -22.70 -18.80 22.71
CA GLN A 286 -23.32 -18.47 24.01
C GLN A 286 -22.41 -18.58 25.26
N HIS A 287 -21.35 -19.39 25.20
CA HIS A 287 -20.44 -19.55 26.35
C HIS A 287 -19.09 -18.84 26.21
N MET A 288 -19.04 -17.78 25.41
CA MET A 288 -17.76 -17.12 25.14
C MET A 288 -17.22 -16.26 26.28
N GLU A 289 -18.10 -15.70 27.09
CA GLU A 289 -17.65 -14.92 28.26
C GLU A 289 -16.94 -15.79 29.30
N ASP A 290 -17.19 -17.10 29.27
CA ASP A 290 -16.54 -18.04 30.18
C ASP A 290 -15.04 -18.19 29.88
N TRP A 291 -14.60 -17.66 28.74
CA TRP A 291 -13.18 -17.65 28.38
C TRP A 291 -12.68 -16.23 28.12
N ILE A 292 -13.62 -15.30 27.94
CA ILE A 292 -13.35 -13.90 27.65
C ILE A 292 -14.40 -13.04 28.40
N PRO A 293 -14.22 -12.84 29.72
CA PRO A 293 -15.26 -12.21 30.55
C PRO A 293 -15.61 -10.79 30.12
N HIS A 294 -14.65 -10.09 29.54
CA HIS A 294 -14.79 -8.71 29.09
C HIS A 294 -15.31 -8.57 27.64
N LEU A 295 -15.76 -9.69 27.06
CA LEU A 295 -16.30 -9.71 25.68
C LEU A 295 -17.51 -8.80 25.48
N LYS A 296 -17.36 -7.83 24.57
CA LYS A 296 -18.49 -7.01 24.13
C LYS A 296 -19.21 -7.72 22.99
N ARG A 297 -20.50 -7.41 22.83
CA ARG A 297 -21.32 -8.10 21.84
C ARG A 297 -22.13 -7.15 20.96
N GLY A 298 -22.50 -7.66 19.79
CA GLY A 298 -23.43 -7.00 18.91
C GLY A 298 -24.35 -8.06 18.35
N HIS A 299 -25.55 -7.67 17.96
CA HIS A 299 -26.48 -8.61 17.34
C HIS A 299 -27.23 -7.95 16.21
N ILE A 300 -27.40 -8.65 15.10
CA ILE A 300 -28.08 -8.10 13.94
C ILE A 300 -29.24 -8.98 13.50
N GLU A 301 -30.45 -8.41 13.59
CA GLU A 301 -31.68 -9.13 13.26
C GLU A 301 -31.83 -9.24 11.75
N ASP A 302 -32.61 -10.23 11.33
CA ASP A 302 -32.97 -10.40 9.91
C ASP A 302 -31.73 -10.39 9.00
N CYS A 303 -30.65 -10.98 9.49
CA CYS A 303 -29.36 -10.98 8.81
C CYS A 303 -28.81 -12.37 8.65
N GLY A 304 -28.38 -12.72 7.44
CA GLY A 304 -27.93 -14.08 7.14
C GLY A 304 -26.44 -14.26 7.32
N HIS A 305 -25.90 -15.28 6.66
CA HIS A 305 -24.47 -15.49 6.65
C HIS A 305 -23.64 -14.33 6.06
N TRP A 306 -24.14 -13.70 5.01
CA TRP A 306 -23.36 -12.70 4.26
C TRP A 306 -23.48 -11.32 4.89
N THR A 307 -23.05 -11.23 6.14
CA THR A 307 -23.35 -10.15 7.05
C THR A 307 -23.07 -8.75 6.50
N GLN A 308 -21.87 -8.56 5.93
CA GLN A 308 -21.42 -7.24 5.46
C GLN A 308 -22.29 -6.74 4.33
N MET A 309 -22.73 -7.68 3.50
CA MET A 309 -23.55 -7.45 2.31
C MET A 309 -25.01 -7.26 2.70
N ASP A 310 -25.42 -7.94 3.78
CA ASP A 310 -26.81 -8.04 4.16
C ASP A 310 -27.24 -6.82 4.94
N LYS A 311 -26.57 -6.55 6.07
CA LYS A 311 -26.89 -5.40 6.88
C LYS A 311 -25.68 -4.47 7.09
N PRO A 312 -25.11 -3.94 5.98
CA PRO A 312 -23.92 -3.08 6.05
C PRO A 312 -24.02 -1.90 7.00
N THR A 313 -25.21 -1.29 7.08
CA THR A 313 -25.42 -0.11 7.94
C THR A 313 -25.30 -0.46 9.41
N GLU A 314 -25.85 -1.61 9.79
CA GLU A 314 -25.77 -2.10 11.17
C GLU A 314 -24.33 -2.55 11.48
N VAL A 315 -23.71 -3.22 10.51
CA VAL A 315 -22.31 -3.67 10.64
C VAL A 315 -21.39 -2.50 10.92
N ASN A 316 -21.53 -1.44 10.11
CA ASN A 316 -20.75 -0.22 10.28
C ASN A 316 -20.96 0.42 11.64
N GLN A 317 -22.22 0.62 12.02
CA GLN A 317 -22.57 1.20 13.33
C GLN A 317 -21.94 0.45 14.50
N ILE A 318 -22.03 -0.88 14.46
CA ILE A 318 -21.53 -1.73 15.52
C ILE A 318 -20.00 -1.68 15.58
N LEU A 319 -19.36 -1.81 14.41
CA LEU A 319 -17.89 -1.78 14.37
C LEU A 319 -17.31 -0.45 14.83
N ILE A 320 -17.81 0.65 14.29
CA ILE A 320 -17.28 1.98 14.64
C ILE A 320 -17.44 2.31 16.13
N LYS A 321 -18.59 1.97 16.71
CA LYS A 321 -18.88 2.20 18.11
C LYS A 321 -17.91 1.44 19.01
N TRP A 322 -17.65 0.17 18.67
CA TRP A 322 -16.69 -0.64 19.40
C TRP A 322 -15.26 -0.12 19.21
N LEU A 323 -14.88 0.23 17.98
CA LEU A 323 -13.54 0.76 17.70
C LEU A 323 -13.24 2.06 18.45
N ASP A 324 -14.21 2.97 18.47
CA ASP A 324 -14.05 4.26 19.16
C ASP A 324 -14.01 4.16 20.68
N SER A 325 -14.50 3.05 21.24
CA SER A 325 -14.53 2.86 22.69
C SER A 325 -13.46 1.89 23.23
N ASP A 326 -13.34 0.70 22.64
CA ASP A 326 -12.23 -0.22 22.95
C ASP A 326 -11.41 -0.67 21.72
N CYS B 13 19.34 -2.43 2.37
CA CYS B 13 17.91 -2.41 1.99
C CYS B 13 17.59 -3.51 0.99
N ASN B 14 16.40 -4.08 1.13
CA ASN B 14 15.95 -5.16 0.26
C ASN B 14 14.49 -4.94 -0.15
N PRO B 15 14.26 -4.58 -1.44
CA PRO B 15 12.94 -4.35 -2.02
C PRO B 15 11.88 -5.39 -1.66
N SER B 16 12.26 -6.67 -1.69
CA SER B 16 11.32 -7.77 -1.45
C SER B 16 10.98 -7.93 0.03
N ASP B 17 11.55 -7.05 0.86
CA ASP B 17 11.18 -6.96 2.27
C ASP B 17 10.21 -5.79 2.51
N MET B 18 9.80 -5.14 1.43
CA MET B 18 8.97 -3.94 1.53
C MET B 18 7.55 -4.21 1.07
N SER B 19 6.60 -3.46 1.63
CA SER B 19 5.28 -3.36 1.06
C SER B 19 5.35 -2.50 -0.22
N HIS B 20 4.73 -2.99 -1.31
CA HIS B 20 4.66 -2.24 -2.57
C HIS B 20 3.23 -1.81 -2.91
N GLY B 21 3.01 -0.51 -3.11
CA GLY B 21 1.68 0.06 -3.30
C GLY B 21 1.51 0.70 -4.66
N TYR B 22 0.29 0.66 -5.19
CA TYR B 22 -0.01 1.16 -6.52
C TYR B 22 -1.31 1.92 -6.51
N VAL B 23 -1.30 3.12 -7.09
CA VAL B 23 -2.47 3.96 -7.20
C VAL B 23 -2.56 4.49 -8.63
N THR B 24 -3.71 4.30 -9.26
CA THR B 24 -4.01 4.88 -10.58
C THR B 24 -4.59 6.28 -10.40
N VAL B 25 -3.85 7.28 -10.88
CA VAL B 25 -4.25 8.69 -10.74
C VAL B 25 -4.96 9.23 -12.01
N LYS B 26 -4.73 8.56 -13.13
CA LYS B 26 -5.31 8.90 -14.41
C LYS B 26 -5.38 7.58 -15.14
N PRO B 27 -6.40 7.38 -16.00
CA PRO B 27 -6.67 6.05 -16.55
C PRO B 27 -5.44 5.18 -16.79
N ARG B 28 -4.39 5.73 -17.41
CA ARG B 28 -3.18 4.96 -17.70
C ARG B 28 -1.94 5.41 -16.91
N VAL B 29 -2.14 6.25 -15.89
CA VAL B 29 -1.02 6.70 -15.06
C VAL B 29 -1.14 6.10 -13.66
N ARG B 30 -0.13 5.31 -13.32
CA ARG B 30 -0.15 4.55 -12.09
C ARG B 30 1.14 4.87 -11.33
N LEU B 31 1.01 5.38 -10.10
CA LEU B 31 2.16 5.65 -9.27
C LEU B 31 2.44 4.52 -8.29
N HIS B 32 3.71 4.10 -8.28
CA HIS B 32 4.19 3.07 -7.38
C HIS B 32 4.84 3.73 -6.19
N PHE B 33 4.66 3.12 -5.01
CA PHE B 33 5.33 3.57 -3.79
C PHE B 33 5.65 2.41 -2.85
N VAL B 34 6.61 2.63 -1.98
CA VAL B 34 6.97 1.71 -0.91
C VAL B 34 6.44 2.30 0.40
N GLU B 35 5.97 1.45 1.30
CA GLU B 35 5.31 1.90 2.53
C GLU B 35 5.86 1.16 3.75
N LEU B 36 6.17 1.91 4.80
CA LEU B 36 6.68 1.34 6.06
C LEU B 36 6.29 2.22 7.24
N GLY B 37 5.78 1.59 8.30
CA GLY B 37 5.50 2.29 9.54
C GLY B 37 4.05 2.66 9.74
N SER B 38 3.72 3.01 10.98
CA SER B 38 2.41 3.56 11.37
C SER B 38 2.63 4.96 11.93
N GLY B 39 1.56 5.76 11.97
CA GLY B 39 1.64 7.15 12.45
C GLY B 39 1.26 8.12 11.34
N PRO B 40 1.54 9.42 11.53
CA PRO B 40 1.23 10.39 10.45
C PRO B 40 1.98 10.07 9.13
N ALA B 41 1.33 10.35 8.01
CA ALA B 41 1.84 9.98 6.71
C ALA B 41 2.92 10.94 6.23
N VAL B 42 4.03 10.39 5.77
CA VAL B 42 5.16 11.16 5.26
C VAL B 42 5.50 10.68 3.86
N CYS B 43 5.37 11.59 2.91
CA CYS B 43 5.57 11.27 1.53
C CYS B 43 6.93 11.77 1.08
N LEU B 44 7.78 10.84 0.65
CA LEU B 44 9.14 11.17 0.18
C LEU B 44 9.22 11.21 -1.33
N CYS B 45 9.72 12.32 -1.88
CA CYS B 45 9.80 12.51 -3.32
C CYS B 45 11.23 12.72 -3.82
N HIS B 46 11.78 11.72 -4.51
CA HIS B 46 13.14 11.77 -5.01
C HIS B 46 13.30 12.73 -6.20
N GLY B 47 14.55 12.94 -6.63
CA GLY B 47 14.80 13.75 -7.83
C GLY B 47 15.37 13.03 -9.04
N PHE B 48 16.16 13.76 -9.82
CA PHE B 48 16.74 13.28 -11.06
C PHE B 48 18.21 12.87 -10.89
N PRO B 49 18.60 11.68 -11.38
CA PRO B 49 17.80 10.60 -11.94
C PRO B 49 17.72 9.48 -10.92
N GLU B 50 16.76 9.55 -10.03
CA GLU B 50 16.80 8.72 -8.84
C GLU B 50 15.64 7.74 -8.75
N SER B 51 15.23 7.40 -7.53
CA SER B 51 14.32 6.30 -7.28
C SER B 51 13.78 6.38 -5.84
N TRP B 52 12.71 5.64 -5.53
CA TRP B 52 12.26 5.50 -4.14
C TRP B 52 13.46 5.06 -3.30
N TYR B 53 14.30 4.23 -3.91
CA TYR B 53 15.47 3.60 -3.29
C TYR B 53 16.50 4.60 -2.78
N SER B 54 16.50 5.80 -3.34
CA SER B 54 17.35 6.88 -2.85
C SER B 54 17.04 7.26 -1.42
N TRP B 55 15.85 6.90 -0.95
CA TRP B 55 15.43 7.15 0.44
C TRP B 55 15.75 5.98 1.39
N ARG B 56 16.53 5.02 0.92
CA ARG B 56 16.77 3.78 1.67
C ARG B 56 17.24 3.98 3.11
N TYR B 57 18.02 5.02 3.39
CA TYR B 57 18.48 5.29 4.76
C TYR B 57 17.46 6.02 5.63
N GLN B 58 16.49 6.68 5.01
CA GLN B 58 15.49 7.47 5.73
C GLN B 58 14.26 6.62 6.09
N ILE B 59 13.88 5.72 5.18
CA ILE B 59 12.69 4.90 5.34
C ILE B 59 12.63 4.19 6.71
N PRO B 60 13.65 3.37 7.07
CA PRO B 60 13.54 2.70 8.37
C PRO B 60 13.64 3.66 9.55
N ALA B 61 14.50 4.67 9.44
CA ALA B 61 14.69 5.66 10.50
C ALA B 61 13.43 6.47 10.79
N LEU B 62 12.74 6.93 9.74
CA LEU B 62 11.48 7.67 9.91
C LEU B 62 10.36 6.75 10.44
N ALA B 63 10.30 5.52 9.95
CA ALA B 63 9.34 4.54 10.45
C ALA B 63 9.56 4.24 11.94
N GLN B 64 10.82 3.99 12.32
CA GLN B 64 11.19 3.76 13.71
C GLN B 64 10.83 4.97 14.60
N ALA B 65 10.87 6.17 14.02
CA ALA B 65 10.57 7.39 14.78
C ALA B 65 9.09 7.64 14.98
N GLY B 66 8.24 6.72 14.50
CA GLY B 66 6.79 6.82 14.68
C GLY B 66 6.04 7.46 13.51
N TYR B 67 6.53 7.26 12.29
CA TYR B 67 5.87 7.81 11.10
C TYR B 67 5.50 6.75 10.07
N ARG B 68 4.45 6.99 9.30
CA ARG B 68 4.08 6.11 8.20
C ARG B 68 4.70 6.68 6.92
N VAL B 69 5.72 5.99 6.41
CA VAL B 69 6.53 6.53 5.30
C VAL B 69 6.04 5.97 4.00
N LEU B 70 5.72 6.85 3.06
CA LEU B 70 5.42 6.43 1.69
C LEU B 70 6.52 6.99 0.80
N ALA B 71 7.39 6.13 0.31
CA ALA B 71 8.46 6.59 -0.59
C ALA B 71 8.09 6.31 -2.05
N MET B 72 7.87 7.37 -2.82
CA MET B 72 7.42 7.27 -4.23
C MET B 72 8.51 6.91 -5.24
N ASP B 73 8.11 6.20 -6.31
CA ASP B 73 8.75 6.33 -7.62
C ASP B 73 7.99 7.48 -8.29
N MET B 74 8.68 8.54 -8.68
CA MET B 74 8.00 9.69 -9.28
C MET B 74 7.54 9.29 -10.67
N LYS B 75 6.60 10.04 -11.24
CA LYS B 75 6.16 9.76 -12.60
C LYS B 75 7.36 9.72 -13.51
N GLY B 76 7.48 8.64 -14.27
CA GLY B 76 8.56 8.45 -15.23
C GLY B 76 9.65 7.49 -14.78
N TYR B 77 9.51 6.98 -13.56
CA TYR B 77 10.60 6.27 -12.89
C TYR B 77 10.18 4.88 -12.41
N GLY B 78 11.13 3.96 -12.39
CA GLY B 78 10.93 2.66 -11.74
C GLY B 78 9.66 1.97 -12.19
N GLU B 79 8.82 1.61 -11.23
CA GLU B 79 7.57 0.92 -11.53
C GLU B 79 6.38 1.84 -11.76
N SER B 80 6.59 3.16 -11.74
CA SER B 80 5.51 4.10 -12.06
C SER B 80 5.37 4.21 -13.57
N SER B 81 4.21 4.66 -14.03
CA SER B 81 4.00 4.93 -15.45
C SER B 81 5.03 5.95 -15.95
N ALA B 82 5.52 5.72 -17.17
CA ALA B 82 6.36 6.66 -17.87
C ALA B 82 5.78 6.94 -19.25
N PRO B 83 4.72 7.77 -19.32
CA PRO B 83 4.25 8.19 -20.64
C PRO B 83 5.33 8.97 -21.41
N PRO B 84 5.34 8.87 -22.74
CA PRO B 84 6.40 9.53 -23.52
C PRO B 84 6.21 11.03 -23.74
N GLU B 85 4.99 11.54 -23.54
CA GLU B 85 4.69 12.94 -23.85
C GLU B 85 5.30 13.92 -22.86
N ILE B 86 5.94 14.94 -23.42
CA ILE B 86 6.60 16.00 -22.66
C ILE B 86 5.66 16.70 -21.68
N GLU B 87 4.45 17.05 -22.13
CA GLU B 87 3.46 17.79 -21.34
C GLU B 87 2.94 17.01 -20.14
N GLU B 88 3.20 15.71 -20.08
CA GLU B 88 2.77 14.91 -18.92
C GLU B 88 3.63 15.18 -17.69
N TYR B 89 4.74 15.90 -17.87
CA TYR B 89 5.71 16.12 -16.81
C TYR B 89 5.88 17.61 -16.44
N CYS B 90 4.91 18.43 -16.83
CA CYS B 90 4.91 19.79 -16.35
C CYS B 90 4.43 19.77 -14.91
N MET B 91 4.91 20.73 -14.14
CA MET B 91 4.73 20.72 -12.70
C MET B 91 3.25 20.73 -12.28
N GLU B 92 2.41 21.48 -12.99
CA GLU B 92 0.97 21.54 -12.67
C GLU B 92 0.31 20.15 -12.69
N VAL B 93 0.70 19.33 -13.65
CA VAL B 93 0.12 18.02 -13.89
C VAL B 93 0.63 17.05 -12.82
N LEU B 94 1.93 17.10 -12.54
CA LEU B 94 2.55 16.27 -11.50
C LEU B 94 1.97 16.57 -10.14
N CYS B 95 1.73 17.86 -9.86
CA CYS B 95 1.14 18.29 -8.58
C CYS B 95 -0.28 17.78 -8.35
N LYS B 96 -1.15 17.97 -9.34
CA LYS B 96 -2.53 17.49 -9.29
C LYS B 96 -2.61 15.98 -9.16
N GLU B 97 -1.64 15.28 -9.76
CA GLU B 97 -1.55 13.83 -9.65
C GLU B 97 -1.22 13.39 -8.23
N MET B 98 -0.38 14.14 -7.53
CA MET B 98 -0.07 13.85 -6.12
C MET B 98 -1.26 14.09 -5.19
N VAL B 99 -2.12 15.05 -5.57
CA VAL B 99 -3.38 15.33 -4.86
C VAL B 99 -4.35 14.16 -5.01
N THR B 100 -4.46 13.66 -6.24
CA THR B 100 -5.32 12.50 -6.57
C THR B 100 -4.77 11.26 -5.85
N PHE B 101 -3.45 11.19 -5.75
CA PHE B 101 -2.78 10.13 -5.01
C PHE B 101 -3.26 10.08 -3.55
N LEU B 102 -3.28 11.22 -2.87
CA LEU B 102 -3.79 11.29 -1.49
C LEU B 102 -5.28 10.94 -1.38
N ASP B 103 -6.07 11.34 -2.37
CA ASP B 103 -7.52 11.07 -2.39
C ASP B 103 -7.81 9.59 -2.43
N LYS B 104 -7.12 8.87 -3.32
CA LYS B 104 -7.31 7.42 -3.44
C LYS B 104 -6.74 6.65 -2.25
N LEU B 105 -5.75 7.20 -1.56
CA LEU B 105 -5.24 6.60 -0.32
C LEU B 105 -6.11 6.96 0.87
N GLY B 106 -6.96 7.96 0.68
CA GLY B 106 -7.88 8.42 1.71
C GLY B 106 -7.18 9.27 2.73
N LEU B 107 -6.13 9.98 2.32
CA LEU B 107 -5.38 10.84 3.25
C LEU B 107 -5.80 12.27 3.01
N SER B 108 -6.27 12.93 4.07
CA SER B 108 -6.68 14.34 3.97
C SER B 108 -5.43 15.24 3.87
N GLN B 109 -4.37 14.84 4.57
CA GLN B 109 -3.08 15.55 4.56
C GLN B 109 -1.90 14.58 4.61
N ALA B 110 -0.74 15.05 4.15
CA ALA B 110 0.53 14.39 4.44
C ALA B 110 1.64 15.41 4.61
N VAL B 111 2.69 15.00 5.29
CA VAL B 111 3.94 15.73 5.25
C VAL B 111 4.64 15.38 3.94
N PHE B 112 5.09 16.39 3.21
CA PHE B 112 5.85 16.15 1.99
C PHE B 112 7.32 16.50 2.21
N ILE B 113 8.20 15.55 1.92
CA ILE B 113 9.63 15.79 1.95
C ILE B 113 10.21 15.46 0.59
N GLY B 114 10.85 16.43 -0.05
CA GLY B 114 11.44 16.20 -1.34
C GLY B 114 12.89 16.61 -1.50
N HIS B 115 13.51 16.10 -2.56
CA HIS B 115 14.88 16.38 -2.90
C HIS B 115 14.99 16.67 -4.38
N ASP B 116 15.78 17.68 -4.75
CA ASP B 116 16.07 17.98 -6.15
C ASP B 116 14.76 18.34 -6.90
N TRP B 117 14.46 17.70 -8.03
CA TRP B 117 13.18 17.93 -8.70
C TRP B 117 12.00 17.68 -7.78
N GLY B 118 12.14 16.66 -6.92
CA GLY B 118 11.13 16.38 -5.90
C GLY B 118 10.97 17.50 -4.89
N GLY B 119 12.05 18.24 -4.66
CA GLY B 119 12.04 19.40 -3.79
C GLY B 119 11.21 20.51 -4.40
N MET B 120 11.39 20.73 -5.70
CA MET B 120 10.58 21.67 -6.47
C MET B 120 9.08 21.29 -6.42
N LEU B 121 8.80 20.00 -6.59
CA LEU B 121 7.41 19.50 -6.55
C LEU B 121 6.75 19.79 -5.20
N VAL B 122 7.47 19.58 -4.10
CA VAL B 122 6.89 19.77 -2.78
C VAL B 122 6.60 21.24 -2.44
N TRP B 123 7.48 22.16 -2.87
CA TRP B 123 7.18 23.58 -2.68
C TRP B 123 5.87 23.96 -3.38
N TYR B 124 5.71 23.56 -4.65
CA TYR B 124 4.45 23.82 -5.36
C TYR B 124 3.22 23.17 -4.75
N MET B 125 3.36 21.93 -4.25
CA MET B 125 2.29 21.33 -3.46
C MET B 125 1.90 22.26 -2.31
N ALA B 126 2.90 22.80 -1.63
CA ALA B 126 2.67 23.64 -0.46
C ALA B 126 2.10 24.99 -0.90
N LEU B 127 2.51 25.48 -2.06
CA LEU B 127 2.04 26.75 -2.59
C LEU B 127 0.55 26.69 -2.97
N PHE B 128 0.22 25.73 -3.84
CA PHE B 128 -1.11 25.61 -4.44
C PHE B 128 -2.08 24.66 -3.73
N TYR B 129 -1.58 23.77 -2.86
CA TYR B 129 -2.45 22.83 -2.14
C TYR B 129 -2.09 22.74 -0.66
N PRO B 130 -1.93 23.90 0.01
CA PRO B 130 -1.52 23.86 1.41
C PRO B 130 -2.50 23.09 2.32
N GLU B 131 -3.78 23.01 1.97
CA GLU B 131 -4.74 22.22 2.77
C GLU B 131 -4.44 20.71 2.77
N ARG B 132 -3.69 20.24 1.77
CA ARG B 132 -3.34 18.81 1.65
C ARG B 132 -1.94 18.50 2.15
N VAL B 133 -1.22 19.55 2.54
CA VAL B 133 0.17 19.43 3.00
C VAL B 133 0.26 19.79 4.49
N ARG B 134 0.57 18.81 5.33
CA ARG B 134 0.64 19.01 6.77
C ARG B 134 1.82 19.89 7.13
N ALA B 135 2.96 19.59 6.51
CA ALA B 135 4.20 20.32 6.64
C ALA B 135 5.05 19.96 5.43
N VAL B 136 6.01 20.81 5.08
CA VAL B 136 6.82 20.61 3.89
C VAL B 136 8.32 20.77 4.19
N ALA B 137 9.14 19.81 3.76
CA ALA B 137 10.59 19.94 3.87
C ALA B 137 11.28 19.69 2.53
N SER B 138 12.34 20.44 2.28
CA SER B 138 13.13 20.28 1.07
C SER B 138 14.61 20.16 1.37
N LEU B 139 15.24 19.18 0.71
CA LEU B 139 16.68 19.03 0.71
C LEU B 139 17.24 19.66 -0.54
N ASN B 140 18.16 20.60 -0.36
CA ASN B 140 18.89 21.28 -1.46
C ASN B 140 18.07 22.29 -2.26
N THR B 141 16.87 21.90 -2.68
CA THR B 141 16.10 22.71 -3.61
C THR B 141 15.40 23.88 -2.91
N PRO B 142 15.72 25.11 -3.32
CA PRO B 142 15.10 26.27 -2.67
C PRO B 142 13.75 26.61 -3.31
N PHE B 143 12.94 27.40 -2.61
CA PHE B 143 11.76 27.97 -3.22
C PHE B 143 12.04 29.41 -3.63
N ILE B 144 12.10 29.62 -4.94
CA ILE B 144 12.34 30.93 -5.52
C ILE B 144 11.10 31.31 -6.33
N PRO B 145 10.38 32.36 -5.92
CA PRO B 145 9.14 32.75 -6.61
C PRO B 145 9.38 33.18 -8.05
N ALA B 146 8.43 32.84 -8.91
CA ALA B 146 8.53 33.18 -10.33
C ALA B 146 8.88 34.66 -10.52
N ASN B 147 9.74 34.92 -11.51
CA ASN B 147 10.12 36.28 -11.86
C ASN B 147 9.37 36.64 -13.13
N PRO B 148 8.34 37.53 -13.01
CA PRO B 148 7.43 37.81 -14.13
C PRO B 148 8.12 38.46 -15.33
N ASN B 149 9.26 39.09 -15.07
CA ASN B 149 10.00 39.82 -16.10
C ASN B 149 11.26 39.11 -16.60
N MET B 150 11.35 37.80 -16.33
CA MET B 150 12.51 37.01 -16.75
C MET B 150 12.10 35.57 -16.99
N SER B 151 12.20 35.15 -18.25
CA SER B 151 11.91 33.76 -18.63
C SER B 151 12.89 32.81 -17.91
N PRO B 152 12.58 31.49 -17.90
CA PRO B 152 13.54 30.51 -17.38
C PRO B 152 14.77 30.31 -18.28
N LEU B 153 14.60 30.55 -19.58
CA LEU B 153 15.71 30.46 -20.55
C LEU B 153 16.74 31.59 -20.36
N GLU B 154 16.29 32.72 -19.86
CA GLU B 154 17.18 33.85 -19.58
C GLU B 154 17.94 33.66 -18.26
N SER B 155 17.41 32.85 -17.35
CA SER B 155 18.10 32.51 -16.11
C SER B 155 19.22 31.50 -16.34
N ILE B 156 19.03 30.62 -17.31
CA ILE B 156 20.05 29.63 -17.68
C ILE B 156 21.25 30.29 -18.36
N LYS B 157 20.99 31.35 -19.13
CA LYS B 157 22.04 32.06 -19.85
C LYS B 157 23.01 32.79 -18.90
N ALA B 158 22.44 33.51 -17.94
CA ALA B 158 23.21 34.22 -16.91
C ALA B 158 24.14 33.30 -16.11
N ASN B 159 23.65 32.13 -15.74
CA ASN B 159 24.43 31.18 -14.94
C ASN B 159 24.89 29.96 -15.76
N PRO B 160 26.18 29.93 -16.15
CA PRO B 160 26.70 28.89 -17.04
C PRO B 160 26.82 27.49 -16.40
N VAL B 161 26.54 27.39 -15.10
CA VAL B 161 26.53 26.09 -14.42
C VAL B 161 25.25 25.30 -14.77
N PHE B 162 24.26 25.98 -15.33
CA PHE B 162 23.02 25.37 -15.81
C PHE B 162 23.06 25.05 -17.31
N ASP B 163 24.27 24.90 -17.86
CA ASP B 163 24.44 24.65 -19.30
C ASP B 163 23.91 23.28 -19.73
N TYR B 164 24.13 22.26 -18.89
CA TYR B 164 23.65 20.89 -19.12
C TYR B 164 22.14 20.83 -19.37
N GLN B 165 21.41 21.84 -18.88
CA GLN B 165 19.96 21.89 -19.01
C GLN B 165 19.51 22.18 -20.43
N LEU B 166 20.36 22.86 -21.19
CA LEU B 166 20.09 23.12 -22.60
C LEU B 166 20.32 21.85 -23.41
N TYR B 167 21.35 21.11 -23.05
CA TYR B 167 21.65 19.82 -23.65
C TYR B 167 20.52 18.82 -23.39
N PHE B 168 19.77 19.02 -22.31
CA PHE B 168 18.66 18.14 -21.95
C PHE B 168 17.38 18.44 -22.72
N GLN B 169 17.34 19.56 -23.44
CA GLN B 169 16.12 20.02 -24.12
C GLN B 169 15.67 19.19 -25.34
N GLU B 170 16.59 18.90 -26.24
CA GLU B 170 16.24 18.17 -27.47
C GLU B 170 15.94 16.69 -27.18
N PRO B 171 14.69 16.25 -27.43
CA PRO B 171 14.31 14.87 -27.12
C PRO B 171 15.18 13.86 -27.88
N GLY B 172 15.63 12.83 -27.16
CA GLY B 172 16.42 11.75 -27.75
C GLY B 172 17.90 11.89 -27.52
N VAL B 173 18.39 13.12 -27.57
CA VAL B 173 19.84 13.37 -27.51
C VAL B 173 20.45 12.95 -26.17
N ALA B 174 20.00 13.55 -25.07
CA ALA B 174 20.53 13.16 -23.75
C ALA B 174 20.20 11.73 -23.39
N GLU B 175 19.06 11.23 -23.88
CA GLU B 175 18.65 9.83 -23.65
C GLU B 175 19.71 8.84 -24.14
N ALA B 176 20.17 9.04 -25.38
CA ALA B 176 21.10 8.10 -26.01
C ALA B 176 22.40 7.95 -25.21
N GLU B 177 22.89 9.07 -24.69
CA GLU B 177 24.11 9.09 -23.88
C GLU B 177 23.96 8.47 -22.48
N LEU B 178 22.88 8.83 -21.77
CA LEU B 178 22.61 8.27 -20.44
C LEU B 178 22.20 6.79 -20.50
N GLU B 179 21.56 6.39 -21.60
CA GLU B 179 21.12 5.00 -21.76
C GLU B 179 22.20 4.06 -22.31
N GLN B 180 23.23 4.62 -22.95
CA GLN B 180 24.27 3.84 -23.63
C GLN B 180 24.90 2.80 -22.71
N ASN B 181 25.33 3.23 -21.54
CA ASN B 181 25.92 2.33 -20.57
C ASN B 181 25.44 2.75 -19.17
N LEU B 182 24.44 2.04 -18.66
CA LEU B 182 23.73 2.47 -17.44
C LEU B 182 24.60 2.45 -16.21
N SER B 183 25.41 1.41 -16.08
CA SER B 183 26.34 1.27 -14.97
C SER B 183 27.32 2.45 -14.93
N ARG B 184 27.82 2.83 -16.09
CA ARG B 184 28.75 3.95 -16.20
C ARG B 184 28.04 5.27 -15.83
N THR B 185 26.84 5.45 -16.35
CA THR B 185 26.01 6.61 -16.05
C THR B 185 25.90 6.86 -14.55
N PHE B 186 25.55 5.83 -13.78
CA PHE B 186 25.30 5.97 -12.35
C PHE B 186 26.55 6.07 -11.50
N LYS B 187 27.60 5.35 -11.90
CA LYS B 187 28.90 5.48 -11.26
C LYS B 187 29.52 6.88 -11.46
N SER B 188 29.26 7.51 -12.61
CA SER B 188 29.77 8.86 -12.87
C SER B 188 28.96 9.95 -12.17
N LEU B 189 27.65 9.71 -12.01
CA LEU B 189 26.76 10.66 -11.35
C LEU B 189 26.81 10.60 -9.83
N PHE B 190 26.76 9.39 -9.26
CA PHE B 190 26.56 9.26 -7.82
C PHE B 190 27.90 9.32 -7.08
N ARG B 191 28.45 10.52 -6.98
CA ARG B 191 29.78 10.67 -6.38
C ARG B 191 29.79 11.79 -5.36
N ALA B 192 30.60 11.67 -4.33
CA ALA B 192 30.86 12.80 -3.43
C ALA B 192 31.48 13.97 -4.23
N SER B 193 31.30 15.20 -3.73
CA SER B 193 31.77 16.41 -4.43
C SER B 193 33.27 16.44 -4.78
N ASP B 194 34.10 15.91 -3.89
CA ASP B 194 35.55 15.79 -4.14
C ASP B 194 35.91 14.67 -5.14
N GLU B 195 34.98 13.75 -5.37
CA GLU B 195 35.19 12.64 -6.30
C GLU B 195 34.61 12.90 -7.69
N SER B 196 34.16 14.13 -7.93
CA SER B 196 33.44 14.45 -9.17
C SER B 196 34.31 14.35 -10.42
N VAL B 197 33.71 13.83 -11.51
CA VAL B 197 34.39 13.68 -12.79
C VAL B 197 33.65 14.40 -13.93
N LEU B 198 32.64 15.19 -13.57
CA LEU B 198 31.74 15.77 -14.56
C LEU B 198 32.04 17.23 -14.93
N SER B 199 32.11 17.49 -16.22
CA SER B 199 32.21 18.84 -16.76
C SER B 199 30.80 19.38 -17.01
N MET B 200 30.30 20.19 -16.07
CA MET B 200 28.94 20.74 -16.16
C MET B 200 28.90 22.06 -16.95
N HIS B 201 30.07 22.67 -17.14
CA HIS B 201 30.19 23.98 -17.76
C HIS B 201 30.04 23.93 -19.28
N LYS B 202 30.74 23.02 -19.92
CA LYS B 202 30.70 22.89 -21.38
C LYS B 202 30.18 21.51 -21.81
N VAL B 203 28.86 21.40 -21.90
CA VAL B 203 28.22 20.14 -22.26
C VAL B 203 27.79 20.13 -23.73
N CYS B 204 27.24 21.25 -24.18
CA CYS B 204 26.80 21.40 -25.57
C CYS B 204 27.96 21.45 -26.57
N GLU B 205 29.03 22.16 -26.19
CA GLU B 205 30.26 22.24 -27.00
C GLU B 205 30.98 20.89 -27.10
N ALA B 206 30.98 20.14 -26.01
CA ALA B 206 31.63 18.84 -25.96
C ALA B 206 30.86 17.76 -26.75
N GLY B 207 29.55 17.95 -26.88
CA GLY B 207 28.69 17.00 -27.57
C GLY B 207 28.04 15.99 -26.62
N GLY B 208 28.71 15.73 -25.51
CA GLY B 208 28.21 14.80 -24.50
C GLY B 208 28.46 15.25 -23.07
N LEU B 209 27.73 14.64 -22.14
CA LEU B 209 27.85 14.94 -20.72
C LEU B 209 29.04 14.22 -20.07
N PHE B 210 29.33 13.01 -20.55
CA PHE B 210 30.41 12.18 -20.00
C PHE B 210 31.65 12.12 -20.90
N VAL B 211 31.55 12.74 -22.08
CA VAL B 211 32.54 12.55 -23.16
C VAL B 211 33.98 13.00 -22.84
N ASN B 212 34.17 13.60 -21.67
CA ASN B 212 35.51 13.96 -21.19
C ASN B 212 35.95 13.15 -19.97
N SER B 213 35.05 12.30 -19.47
CA SER B 213 35.27 11.53 -18.23
C SER B 213 35.45 10.01 -18.47
N PRO B 214 36.00 9.27 -17.49
CA PRO B 214 36.45 7.88 -17.66
C PRO B 214 35.44 6.91 -18.28
N GLU B 215 35.95 5.90 -18.99
CA GLU B 215 35.11 4.85 -19.56
C GLU B 215 34.72 3.80 -18.52
N GLU B 216 35.61 3.58 -17.56
CA GLU B 216 35.37 2.64 -16.47
C GLU B 216 35.57 3.34 -15.12
N PRO B 217 34.61 4.21 -14.71
CA PRO B 217 34.80 4.97 -13.47
C PRO B 217 34.84 4.09 -12.23
N SER B 218 35.50 4.57 -11.19
CA SER B 218 35.56 3.84 -9.93
C SER B 218 34.26 4.02 -9.14
N LEU B 219 34.06 3.13 -8.17
CA LEU B 219 32.93 3.21 -7.27
C LEU B 219 33.21 4.30 -6.23
N SER B 220 32.29 5.26 -6.12
CA SER B 220 32.38 6.29 -5.10
C SER B 220 32.29 5.67 -3.71
N ARG B 221 32.96 6.27 -2.74
CA ARG B 221 32.87 5.84 -1.34
C ARG B 221 31.42 5.84 -0.81
N MET B 222 30.53 6.56 -1.51
CA MET B 222 29.10 6.64 -1.15
C MET B 222 28.31 5.37 -1.43
N VAL B 223 28.68 4.64 -2.49
CA VAL B 223 27.84 3.54 -2.99
C VAL B 223 28.61 2.22 -3.12
N THR B 224 27.86 1.12 -3.03
CA THR B 224 28.39 -0.19 -3.36
C THR B 224 27.95 -0.54 -4.78
N GLU B 225 28.58 -1.55 -5.36
CA GLU B 225 28.17 -2.10 -6.67
C GLU B 225 26.72 -2.61 -6.65
N GLU B 226 26.31 -3.21 -5.53
CA GLU B 226 24.92 -3.67 -5.41
C GLU B 226 23.92 -2.53 -5.56
N GLU B 227 24.20 -1.40 -4.90
CA GLU B 227 23.32 -0.23 -4.97
C GLU B 227 23.22 0.36 -6.38
N ILE B 228 24.36 0.47 -7.05
CA ILE B 228 24.40 0.93 -8.43
C ILE B 228 23.61 0.01 -9.34
N GLN B 229 23.78 -1.30 -9.16
CA GLN B 229 23.05 -2.28 -9.96
C GLN B 229 21.54 -2.22 -9.74
N PHE B 230 21.13 -1.81 -8.55
CA PHE B 230 19.71 -1.58 -8.33
C PHE B 230 19.15 -0.48 -9.24
N TYR B 231 19.89 0.62 -9.37
CA TYR B 231 19.46 1.70 -10.27
C TYR B 231 19.48 1.27 -11.72
N VAL B 232 20.46 0.45 -12.09
CA VAL B 232 20.58 -0.08 -13.46
C VAL B 232 19.31 -0.87 -13.85
N GLN B 233 18.91 -1.82 -13.01
CA GLN B 233 17.69 -2.60 -13.26
C GLN B 233 16.44 -1.74 -13.34
N GLN B 234 16.38 -0.69 -12.52
CA GLN B 234 15.22 0.22 -12.51
C GLN B 234 15.09 1.05 -13.79
N PHE B 235 16.22 1.51 -14.32
CA PHE B 235 16.20 2.37 -15.49
C PHE B 235 16.08 1.62 -16.83
N LYS B 236 16.28 0.30 -16.78
CA LYS B 236 16.02 -0.58 -17.91
C LYS B 236 14.53 -0.65 -18.23
N LYS B 237 13.70 -0.35 -17.24
CA LYS B 237 12.24 -0.44 -17.39
C LYS B 237 11.67 0.61 -18.34
N SER B 238 12.16 1.85 -18.25
CA SER B 238 11.63 2.93 -19.10
C SER B 238 12.69 3.88 -19.64
N GLY B 239 13.93 3.76 -19.16
CA GLY B 239 15.00 4.63 -19.65
C GLY B 239 14.91 6.06 -19.13
N PHE B 240 15.42 7.02 -19.88
CA PHE B 240 15.57 8.41 -19.42
C PHE B 240 14.59 9.42 -19.98
N ARG B 241 13.80 9.03 -20.97
CA ARG B 241 12.85 9.92 -21.60
C ARG B 241 11.88 10.54 -20.58
N GLY B 242 11.27 9.69 -19.75
CA GLY B 242 10.37 10.14 -18.72
C GLY B 242 11.04 11.12 -17.76
N PRO B 243 12.10 10.67 -17.05
CA PRO B 243 12.88 11.52 -16.14
C PRO B 243 13.36 12.84 -16.77
N LEU B 244 13.93 12.78 -17.98
CA LEU B 244 14.39 14.00 -18.66
C LEU B 244 13.26 14.94 -19.08
N ASN B 245 12.08 14.39 -19.32
CA ASN B 245 10.92 15.25 -19.61
C ASN B 245 10.62 16.28 -18.52
N TRP B 246 11.07 16.00 -17.29
CA TRP B 246 10.96 16.96 -16.21
C TRP B 246 11.61 18.33 -16.53
N TYR B 247 12.69 18.31 -17.32
CA TYR B 247 13.39 19.55 -17.74
C TYR B 247 12.80 20.27 -18.96
N ARG B 248 11.80 19.67 -19.60
CA ARG B 248 11.33 20.17 -20.90
C ARG B 248 10.01 20.91 -20.82
N ASN B 249 9.74 21.50 -19.65
CA ASN B 249 8.48 22.19 -19.41
C ASN B 249 8.71 23.57 -18.76
N MET B 250 9.83 24.22 -19.09
CA MET B 250 10.25 25.44 -18.38
C MET B 250 9.25 26.59 -18.48
N GLU B 251 8.84 26.91 -19.71
CA GLU B 251 7.89 28.00 -19.95
C GLU B 251 6.52 27.71 -19.32
N ARG B 252 6.05 26.48 -19.48
CA ARG B 252 4.81 26.01 -18.88
C ARG B 252 4.84 26.13 -17.36
N ASN B 253 5.97 25.74 -16.75
CA ASN B 253 6.15 25.83 -15.30
C ASN B 253 6.19 27.27 -14.82
N TRP B 254 6.98 28.09 -15.51
CA TRP B 254 7.03 29.53 -15.29
C TRP B 254 5.62 30.18 -15.29
N LYS B 255 4.85 29.95 -16.35
CA LYS B 255 3.50 30.53 -16.49
C LYS B 255 2.55 30.07 -15.40
N TRP B 256 2.74 28.84 -14.93
CA TRP B 256 1.93 28.30 -13.86
C TRP B 256 2.29 28.92 -12.52
N ALA B 257 3.59 29.07 -12.26
CA ALA B 257 4.07 29.67 -11.02
C ALA B 257 3.69 31.15 -10.90
N CYS B 258 3.41 31.80 -12.02
CA CYS B 258 2.95 33.18 -12.00
C CYS B 258 1.54 33.31 -11.42
N LYS B 259 0.73 32.27 -11.59
CA LYS B 259 -0.66 32.25 -11.11
C LYS B 259 -0.81 32.30 -9.59
N SER B 260 0.31 32.22 -8.86
CA SER B 260 0.25 32.24 -7.40
C SER B 260 0.02 33.65 -6.86
N LEU B 261 0.33 34.65 -7.69
CA LEU B 261 0.06 36.07 -7.41
C LEU B 261 0.74 36.50 -6.11
N GLY B 262 1.97 36.05 -5.95
CA GLY B 262 2.75 36.33 -4.75
C GLY B 262 2.11 35.92 -3.43
N ARG B 263 1.34 34.84 -3.42
CA ARG B 263 0.79 34.32 -2.16
C ARG B 263 1.94 33.70 -1.36
N LYS B 264 1.75 33.53 -0.06
CA LYS B 264 2.80 32.97 0.76
C LYS B 264 2.55 31.49 1.08
N ILE B 265 3.58 30.82 1.58
CA ILE B 265 3.44 29.49 2.15
C ILE B 265 3.33 29.69 3.65
N LEU B 266 2.18 29.30 4.20
CA LEU B 266 1.86 29.57 5.61
C LEU B 266 1.95 28.36 6.52
N ILE B 267 2.26 27.19 5.97
CA ILE B 267 2.41 25.97 6.78
C ILE B 267 3.85 25.80 7.30
N PRO B 268 4.06 24.87 8.27
CA PRO B 268 5.41 24.60 8.75
C PRO B 268 6.31 24.07 7.63
N ALA B 269 7.50 24.64 7.51
CA ALA B 269 8.40 24.38 6.41
C ALA B 269 9.85 24.26 6.87
N LEU B 270 10.61 23.45 6.17
CA LEU B 270 12.02 23.19 6.48
C LEU B 270 12.83 23.27 5.21
N MET B 271 13.89 24.07 5.26
CA MET B 271 14.84 24.13 4.17
C MET B 271 16.18 23.60 4.67
N VAL B 272 16.67 22.52 4.06
CA VAL B 272 17.95 21.95 4.44
C VAL B 272 18.89 22.15 3.27
N THR B 273 19.98 22.86 3.51
CA THR B 273 20.93 23.15 2.46
C THR B 273 22.14 22.23 2.61
N ALA B 274 22.86 22.03 1.52
CA ALA B 274 24.05 21.17 1.52
C ALA B 274 25.24 21.96 1.01
N GLU B 275 26.29 22.02 1.85
CA GLU B 275 27.45 22.87 1.61
C GLU B 275 28.07 22.70 0.22
N LYS B 276 28.22 21.46 -0.23
CA LYS B 276 29.00 21.17 -1.44
C LYS B 276 28.17 20.82 -2.70
N ASP B 277 26.88 21.13 -2.69
CA ASP B 277 26.06 20.96 -3.89
C ASP B 277 26.33 22.18 -4.79
N PHE B 278 26.92 21.93 -5.95
CA PHE B 278 27.37 23.02 -6.83
C PHE B 278 26.34 23.44 -7.86
N VAL B 279 25.18 22.80 -7.83
CA VAL B 279 24.06 23.21 -8.66
C VAL B 279 22.99 23.89 -7.81
N LEU B 280 22.58 23.25 -6.71
CA LEU B 280 21.61 23.85 -5.79
C LEU B 280 22.38 24.39 -4.60
N VAL B 281 23.04 25.52 -4.86
CA VAL B 281 23.91 26.21 -3.93
C VAL B 281 23.13 26.76 -2.72
N PRO B 282 23.72 26.69 -1.51
CA PRO B 282 23.03 27.17 -0.29
C PRO B 282 22.55 28.62 -0.34
N GLN B 283 23.36 29.52 -0.92
CA GLN B 283 22.99 30.95 -1.04
C GLN B 283 21.73 31.15 -1.88
N MET B 284 21.40 30.17 -2.71
CA MET B 284 20.18 30.23 -3.52
C MET B 284 18.92 30.21 -2.66
N SER B 285 19.08 29.84 -1.38
CA SER B 285 17.95 29.78 -0.45
C SER B 285 17.78 31.01 0.45
N GLN B 286 18.62 32.04 0.26
CA GLN B 286 18.77 33.10 1.28
C GLN B 286 17.55 33.97 1.57
N HIS B 287 16.73 34.27 0.57
CA HIS B 287 15.58 35.14 0.84
C HIS B 287 14.24 34.44 1.17
N MET B 288 14.30 33.13 1.43
CA MET B 288 13.07 32.32 1.55
C MET B 288 12.11 32.68 2.69
N GLU B 289 12.61 33.26 3.78
CA GLU B 289 11.73 33.58 4.92
C GLU B 289 10.77 34.74 4.65
N ASP B 290 11.03 35.49 3.58
CA ASP B 290 10.12 36.56 3.15
C ASP B 290 8.81 35.97 2.65
N TRP B 291 8.91 34.87 1.90
CA TRP B 291 7.75 34.19 1.28
C TRP B 291 7.23 33.06 2.16
N ILE B 292 8.03 32.66 3.14
CA ILE B 292 7.70 31.55 4.03
C ILE B 292 7.99 31.95 5.48
N PRO B 293 7.00 32.56 6.16
CA PRO B 293 7.16 33.06 7.54
C PRO B 293 7.66 32.02 8.55
N HIS B 294 7.05 30.85 8.56
CA HIS B 294 7.34 29.83 9.58
C HIS B 294 8.43 28.83 9.16
N LEU B 295 9.46 29.33 8.47
CA LEU B 295 10.55 28.50 7.95
C LEU B 295 11.65 28.22 8.97
N LYS B 296 11.89 26.93 9.21
CA LYS B 296 13.06 26.51 9.96
C LYS B 296 14.13 26.03 8.98
N ARG B 297 15.38 25.99 9.44
CA ARG B 297 16.49 25.62 8.57
C ARG B 297 17.34 24.51 9.15
N GLY B 298 17.95 23.76 8.24
CA GLY B 298 19.05 22.87 8.56
C GLY B 298 20.14 23.13 7.54
N HIS B 299 21.36 22.74 7.88
CA HIS B 299 22.51 22.87 6.97
C HIS B 299 23.46 21.73 7.21
N ILE B 300 23.90 21.07 6.15
CA ILE B 300 24.80 19.94 6.29
C ILE B 300 26.14 20.22 5.64
N GLU B 301 27.18 20.11 6.46
CA GLU B 301 28.53 20.34 6.00
C GLU B 301 29.07 19.14 5.24
N ASP B 302 29.98 19.39 4.31
CA ASP B 302 30.70 18.33 3.59
C ASP B 302 29.75 17.44 2.81
N CYS B 303 28.62 18.01 2.41
CA CYS B 303 27.58 17.25 1.75
C CYS B 303 27.35 17.79 0.35
N GLY B 304 27.41 16.91 -0.64
CA GLY B 304 27.20 17.29 -2.02
C GLY B 304 25.73 17.20 -2.39
N HIS B 305 25.48 17.10 -3.69
CA HIS B 305 24.13 17.03 -4.21
C HIS B 305 23.29 15.84 -3.72
N TRP B 306 23.93 14.68 -3.57
CA TRP B 306 23.21 13.41 -3.28
C TRP B 306 23.04 13.20 -1.79
N THR B 307 22.42 14.19 -1.16
CA THR B 307 22.29 14.32 0.30
C THR B 307 21.99 13.04 1.06
N GLN B 308 20.95 12.33 0.66
CA GLN B 308 20.48 11.13 1.38
C GLN B 308 21.53 10.02 1.49
N MET B 309 22.38 9.91 0.47
CA MET B 309 23.45 8.89 0.41
C MET B 309 24.71 9.40 1.06
N ASP B 310 24.97 10.69 0.86
CA ASP B 310 26.22 11.32 1.29
C ASP B 310 26.24 11.41 2.82
N LYS B 311 25.17 11.96 3.39
CA LYS B 311 25.08 12.20 4.83
C LYS B 311 23.77 11.67 5.45
N PRO B 312 23.50 10.35 5.32
CA PRO B 312 22.23 9.77 5.77
C PRO B 312 21.94 10.04 7.24
N THR B 313 22.96 9.91 8.08
CA THR B 313 22.84 10.15 9.53
C THR B 313 22.42 11.59 9.84
N GLU B 314 23.06 12.55 9.19
CA GLU B 314 22.72 13.96 9.41
C GLU B 314 21.31 14.28 8.91
N VAL B 315 20.95 13.75 7.74
CA VAL B 315 19.61 13.93 7.16
C VAL B 315 18.56 13.42 8.14
N ASN B 316 18.76 12.20 8.63
CA ASN B 316 17.84 11.55 9.56
C ASN B 316 17.57 12.36 10.81
N GLN B 317 18.65 12.83 11.46
CA GLN B 317 18.55 13.59 12.72
C GLN B 317 17.83 14.93 12.55
N ILE B 318 18.16 15.65 11.48
CA ILE B 318 17.48 16.89 11.12
C ILE B 318 15.98 16.69 10.81
N LEU B 319 15.64 15.70 9.99
CA LEU B 319 14.24 15.48 9.63
C LEU B 319 13.39 15.02 10.80
N ILE B 320 13.93 14.10 11.60
CA ILE B 320 13.20 13.55 12.75
C ILE B 320 12.98 14.57 13.86
N LYS B 321 13.92 15.48 14.07
CA LYS B 321 13.77 16.53 15.07
C LYS B 321 12.72 17.56 14.66
N TRP B 322 12.75 17.92 13.38
CA TRP B 322 11.81 18.87 12.81
C TRP B 322 10.40 18.28 12.81
N LEU B 323 10.29 17.01 12.45
CA LEU B 323 9.02 16.30 12.42
C LEU B 323 8.35 16.23 13.80
N ASP B 324 9.14 15.90 14.82
CA ASP B 324 8.61 15.71 16.17
C ASP B 324 8.13 17.04 16.80
N SER B 325 8.70 18.17 16.37
CA SER B 325 8.29 19.49 16.89
C SER B 325 7.25 20.21 16.01
N ASP B 326 7.36 20.09 14.70
CA ASP B 326 6.45 20.78 13.77
C ASP B 326 5.49 19.82 13.08
N1 S82 C . -17.90 -22.40 7.87
C2 S82 C . -18.30 -22.47 6.55
N3 S82 C . -18.82 -21.30 6.03
C4 S82 C . -19.87 -21.38 5.07
C5 S82 C . -19.61 -21.16 3.61
C6 S82 C . -20.42 -20.17 4.40
C7 S82 C . -20.22 -21.97 2.55
C8 S82 C . -20.93 -23.13 2.82
C9 S82 C . -21.49 -23.88 1.81
C10 S82 C . -21.35 -23.49 0.50
C11 S82 C . -20.64 -22.34 0.21
C12 S82 C . -20.09 -21.60 1.23
O13 S82 C . -18.23 -23.50 5.90
C14 S82 C . -17.62 -23.63 8.54
C15 S82 C . -16.12 -23.83 8.61
C16 S82 C . -15.51 -22.66 9.36
C17 S82 C . -15.88 -21.32 8.74
C18 S82 C . -17.36 -21.19 8.45
C19 S82 C . -15.79 -22.73 10.81
N20 S82 C . -15.95 -23.78 11.57
C21 S82 C . -16.18 -23.21 12.80
N22 S82 C . -16.18 -21.87 12.80
O23 S82 C . -15.92 -21.55 11.48
C24 S82 C . -16.42 -24.02 14.00
C25 S82 C . -17.89 -24.27 14.24
C26 S82 C . -15.75 -23.46 15.23
N1 S82 D . 18.29 20.65 -11.10
C2 S82 D . 18.98 19.61 -11.67
N3 S82 D . 19.46 18.66 -10.80
C4 S82 D . 20.75 18.12 -11.09
C5 S82 D . 20.98 16.67 -11.38
C6 S82 D . 21.56 17.28 -10.15
C7 S82 D . 21.81 16.30 -12.53
C8 S82 D . 22.37 17.25 -13.36
C9 S82 D . 23.15 16.90 -14.44
C10 S82 D . 23.39 15.57 -14.69
C11 S82 D . 22.84 14.60 -13.87
C12 S82 D . 22.07 14.97 -12.80
O13 S82 D . 19.17 19.54 -12.87
C14 S82 D . 18.03 21.82 -11.90
C15 S82 D . 16.59 21.88 -12.32
C16 S82 D . 15.68 21.77 -11.11
C17 S82 D . 16.01 20.53 -10.30
C18 S82 D . 17.47 20.46 -9.94
C19 S82 D . 15.71 23.01 -10.31
N20 S82 D . 15.67 24.26 -10.68
C21 S82 D . 15.74 24.92 -9.48
N22 S82 D . 15.80 24.13 -8.40
O23 S82 D . 15.78 22.85 -8.96
C24 S82 D . 15.73 26.38 -9.37
C25 S82 D . 17.10 26.95 -9.60
C26 S82 D . 15.19 26.86 -8.04
#